data_8JE2
#
_entry.id   8JE2
#
_cell.length_a   1.00
_cell.length_b   1.00
_cell.length_c   1.00
_cell.angle_alpha   90.00
_cell.angle_beta   90.00
_cell.angle_gamma   90.00
#
_symmetry.space_group_name_H-M   'P 1'
#
loop_
_entity.id
_entity.type
_entity.pdbx_description
1 polymer Cullin-2
2 polymer Elongin-B
3 polymer Elongin-C
4 polymer 'Protein fem-1 homolog B'
5 polymer 'Folliculin-interacting protein 1'
6 non-polymer 'ZINC ION'
#
loop_
_entity_poly.entity_id
_entity_poly.type
_entity_poly.pdbx_seq_one_letter_code
_entity_poly.pdbx_strand_id
1 'polypeptide(L)'
;MSLKPRVVDFDETWNKLLTTIKAVVMLEYVERATWNDRFSDIYALCVAYPEPLGERLYTETKIFLENHVRHLHKRVLESE
EQVLVMYHRYWEEYSKGADYMDCLYRYLNTQFIKKNKLTEADLQYGYGGVDMNEPLMEIGELALDMWRKLMVEPLQAILI
RMLLREIKNDRGGEDPNQKVIHGVINSFVHVEQYKKKFPLKFYQEIFESPFLTETGEYYKQEASNLLQESNCSQYMEKVL
GRLKDEEIRCRKYLHPSSYTKVIHECQQRMVADHLQFLHAECHNIIRQEKKNDMANMYVLLRAVSTGLPHMIQELQNHIH
DEGLRATSNLTQENMPTLFVESVLEVHGKFVQLINTVLNGDQHFMSALDKALTSVVNYREPKSVCKAPELLAKYCDNLLK
KSAKGMTENEVEDRLTSFITVFKYIDDKDVFQKFYARMLAKRLIHGLSMSMDSEEAMINKLKQACGYEFTSKLHRMYTDM
SVSADLNNKFNNFIKNQDTVIDLGISFQIYVLQAGAWPLTQAPSSTFAIPQELEKSVQMFELFYSQHFSGRKLTWLHYLC
TGEVKMNYLGKPYVAMVTTYQMAVLLAFNNSETVSYKELQDSTQMNEKELTKTIKSLLDVKMINHDSEKEDIDAESSFSL
NMNFSSKRTKFKITTSMQKDTPQEMEQTRSAVDEDRKMYLQAAIVRIMKARKVLRHNALIQEVISQSRARFNPSISMIKK
CIEVLIDKQYIERSQASADEYSYVAHHHHHH
;
A
2 'polypeptide(L)'
;MDVFLMIRRHKTTIFTDAKESSTVFELKRIVEGILKRPPDEQRLYKDDQLLDDGKTLGECGFTSQTARPQAPATVGLAFR
ADDTFEALCIEPFSSPPELPDVMK
;
B
3 'polypeptide(L)'
;MAMYVKLISSDGHEFIVKREHALTSGTIKAMLSGPGQFAENETNEVNFREIPSHVLSKVCMYFTYKVRYTNSSTEIPEFP
IAPEIALELLMAANFLDC
;
C
4 'polypeptide(L)'
;GEFMEGLAGYVYKAASEGKVLTLAALLLNRSESDIRYLLGYVSQQGGQRSTPLIIAARNGHAKVVRLLLEHYRVQTQQTG
TVRFDGYVIDGATALWCAAGAGHFEVVKLLVSHGANVNHTTVTNSTPLRAACFDGRLDIVKYLVENNANISIANKYDNTC
LMIAAYKGHTDVVRYLLEQRADPNAKAHCGATALHFAAEAGHIDIVKELIKWRAAIVVNGHGMTPLKVAAESCKADVVEL
LLSHADCDRRSRIEALELLGASFANDRENYDIIKTYHYLYLAMLERFQDGDNILEKEVLPPIHAYGNRTECRNPQELESI
RQDRDALHMEGLIVRERILGADNIDVSHPIIYRGAVYADNMEFEQCIKLWLHALHLRQKGNRNTHKDLLRFAQVFSQMIH
LNETVKAPDIECVLRCSVLEIEQSMNRVKNISDADVHNAMDNYECNLYTFLYLVCISTKTQCSEEDQCKINKQIYNLIHL
DPRTREGFTLLHLAVNSNTPVDDFHTNDVCSFPNALVTKLLLDCGAEVNAVDNEGNSALHIIVQYNRPISDFLTLHSIII
SLVEAGAHTDMTNKQNKTPLDKSTTGVSEILLKTQMKMSLKCLAARAVRANDINYQDQIPRTLEEFVGFH
;
D
5 'polypeptide(L)'
;MAPTLFQKLFSKRTGLGAPGRDARDPDCGFSWPLPEFDPSQIRLIVYQDCERRGRNVLFDSSVKRRNEDISVSKLGSDAQ
VKVFGKCCQLKPGGDSSSSLDSSVTSSSDIKDQCLKYQGSRCSSDANMLGEMMFGSVAMSYKGSTLKIHQIRSPPQLMLS
KVFTARTGSSICGSLNTLQDSLEFINQDNNTLKADNNTVINGLLGNIGLSQFCSPRRAFSEQGPLRLIRSASFFAVHSNP
MDMPGRELNEDRDSGIARSASLSSLLITPFPSPNSSLTRSCASSYQRRWRRSQTTSLENGVFPRWSIEESFNLSDESCGP
NPGIVRKKKIAIGVIFSLSKDEDENNKFNEFFFSHFPLFESHMNKLKSAIEQAMKMSRRSADASQRSLAYNRIVDALNEF
RTTICNLYTMPRIGEPVWLTMMSGTPEKNHLCYRFMKEFTFLMENASKNQFLPALITAVLTNHLAWVPTVMPNGQPPIKI
FLEKHSSQSVDMLAKTHPYNPLWAQLGDLYGAIGSPVRLARTVVVGKRQDMVQRLLYFLTYFIRCSELQETHLLENGEDE
AIVMPGTVITTTLEKGEIEESEYVLVTMHRNKSSLLFKESEEIRTPNCNCKYCSHPLLGQNVENISQQEREDIQNSSKEL
LGISDECQMISPSDCQEENAVDVKQYRDKLRTCFDAKLETVVCTGSVPVDKCALSESGLESTEETWQSEKLLDSDSHTGK
AMRSTGMVVEKKPPDKIVPASFSCEAAQTKVTFLIGDSMSPDSDTELRSQAVVDQITRHHTKPLKEERGAIDQHQETKQT
TKDQSGESDTQNMVSEEPCELPCWNHSDPESMSLFDEYFNDDSIETRTIDDVPFKTSTDSKDHCCMLEFSKILCTKNNKQ
NNEFCKCIETVPQDSCKTCFPQQDQRDTLSILVPHGDKESSDKKIAVGTEWDIPRNESSDSALGDSESEDTGHDMTRQVS
SYYGGEQEDWAEEDEIPFPGSKLIEVSAVQPNIANFGRSLLGGYCSSYVPDFVLQGIGSDERFRQCLMSDLSHAVQHPVL
DEPIAEAVCIIADMDKWTVQVASSQRRVTDNKLGKEVLVSSLVSNLLHSTLQLYKHNLSPNFCVMHLEDRLQELYFKSKM
LSEYLRGQMRVHVKELGVVLGIESSDLPLLAAVASTHSPYVAQILLENLYFQ
;
H
#
# COMPACT_ATOMS: atom_id res chain seq x y z
N MET A 1 5.50 33.03 34.14
CA MET A 1 6.51 33.99 33.74
C MET A 1 7.79 33.30 33.28
N SER A 2 8.22 32.30 34.05
CA SER A 2 9.47 31.58 33.77
C SER A 2 9.21 30.47 32.75
N LEU A 3 8.69 30.89 31.59
CA LEU A 3 8.48 29.96 30.48
C LEU A 3 9.77 29.33 29.99
N LYS A 4 10.91 29.95 30.25
CA LYS A 4 12.20 29.37 29.92
C LYS A 4 12.41 28.10 30.72
N PRO A 5 13.19 27.16 30.20
CA PRO A 5 13.41 25.90 30.92
C PRO A 5 13.99 26.14 32.30
N ARG A 6 13.53 25.35 33.28
CA ARG A 6 13.99 25.58 34.68
C ARG A 6 14.46 24.26 35.32
N VAL A 7 15.15 24.34 36.46
CA VAL A 7 15.54 23.10 37.19
C VAL A 7 14.30 22.65 37.97
N VAL A 8 13.59 21.64 37.46
CA VAL A 8 12.34 21.23 38.07
C VAL A 8 12.55 19.95 38.86
N ASP A 9 12.12 19.98 40.12
CA ASP A 9 12.13 18.80 40.97
C ASP A 9 11.05 17.85 40.44
N PHE A 10 11.49 16.81 39.73
CA PHE A 10 10.54 15.86 39.14
C PHE A 10 9.67 15.20 40.21
N ASP A 11 10.22 14.96 41.39
CA ASP A 11 9.47 14.32 42.46
C ASP A 11 8.27 15.13 42.92
N GLU A 12 8.44 16.42 43.18
CA GLU A 12 7.34 17.25 43.69
C GLU A 12 6.26 17.43 42.64
N THR A 13 6.65 17.80 41.42
CA THR A 13 5.66 18.00 40.36
C THR A 13 4.94 16.70 40.03
N TRP A 14 5.68 15.59 40.00
CA TRP A 14 5.04 14.29 39.81
C TRP A 14 4.11 13.93 40.95
N ASN A 15 4.46 14.25 42.19
CA ASN A 15 3.57 14.00 43.31
C ASN A 15 2.27 14.77 43.21
N LYS A 16 2.33 16.04 42.81
CA LYS A 16 1.11 16.81 42.60
C LYS A 16 0.30 16.28 41.42
N LEU A 17 0.98 15.98 40.32
CA LEU A 17 0.29 15.46 39.15
C LEU A 17 -0.33 14.09 39.44
N LEU A 18 0.26 13.33 40.36
CA LEU A 18 -0.32 12.05 40.75
C LEU A 18 -1.65 12.22 41.46
N THR A 19 -1.76 13.21 42.35
CA THR A 19 -3.05 13.52 42.96
C THR A 19 -4.04 14.02 41.93
N THR A 20 -3.57 14.80 40.96
CA THR A 20 -4.48 15.29 39.92
C THR A 20 -5.01 14.16 39.05
N ILE A 21 -4.11 13.30 38.54
CA ILE A 21 -4.51 12.25 37.61
C ILE A 21 -5.43 11.25 38.28
N LYS A 22 -5.18 10.96 39.55
CA LYS A 22 -6.04 10.01 40.27
C LYS A 22 -7.49 10.47 40.26
N ALA A 23 -7.72 11.78 40.38
CA ALA A 23 -9.07 12.30 40.28
C ALA A 23 -9.55 12.35 38.83
N VAL A 24 -8.66 12.69 37.90
CA VAL A 24 -9.06 12.82 36.51
C VAL A 24 -9.51 11.50 35.89
N VAL A 25 -8.74 10.42 36.07
CA VAL A 25 -9.04 9.14 35.46
C VAL A 25 -10.19 8.43 36.15
N MET A 26 -10.46 8.76 37.41
CA MET A 26 -11.60 8.20 38.14
C MET A 26 -12.84 9.08 38.02
N LEU A 27 -12.79 10.11 37.19
CA LEU A 27 -13.89 11.05 36.97
C LEU A 27 -14.29 11.79 38.25
N GLU A 28 -13.39 11.84 39.23
CA GLU A 28 -13.63 12.70 40.39
C GLU A 28 -13.46 14.16 39.99
N TYR A 29 -14.11 15.04 40.73
CA TYR A 29 -14.12 16.47 40.40
C TYR A 29 -12.76 17.06 40.68
N VAL A 30 -12.22 17.77 39.68
CA VAL A 30 -10.99 18.55 39.83
C VAL A 30 -11.26 19.95 39.33
N GLU A 31 -10.75 20.95 40.06
CA GLU A 31 -11.04 22.34 39.72
C GLU A 31 -10.41 22.72 38.40
N ARG A 32 -11.11 23.60 37.67
CA ARG A 32 -10.61 24.06 36.37
C ARG A 32 -9.29 24.81 36.48
N ALA A 33 -9.14 25.66 37.50
CA ALA A 33 -7.88 26.38 37.68
C ALA A 33 -6.74 25.41 37.94
N THR A 34 -6.98 24.37 38.74
CA THR A 34 -5.95 23.36 38.99
C THR A 34 -5.57 22.65 37.70
N TRP A 35 -6.55 22.37 36.84
CA TRP A 35 -6.28 21.76 35.54
C TRP A 35 -5.41 22.66 34.68
N ASN A 36 -5.75 23.95 34.67
CA ASN A 36 -4.99 24.91 33.86
C ASN A 36 -3.55 25.04 34.34
N ASP A 37 -3.31 24.90 35.65
CA ASP A 37 -1.96 24.90 36.19
C ASP A 37 -1.24 23.58 35.97
N ARG A 38 -1.95 22.46 35.99
CA ARG A 38 -1.32 21.18 35.69
C ARG A 38 -0.85 21.12 34.25
N PHE A 39 -1.52 21.84 33.36
CA PHE A 39 -0.98 21.94 32.00
C PHE A 39 0.41 22.57 31.99
N SER A 40 0.58 23.68 32.72
CA SER A 40 1.88 24.32 32.81
C SER A 40 2.89 23.41 33.50
N ASP A 41 2.43 22.65 34.50
CA ASP A 41 3.31 21.70 35.17
C ASP A 41 3.80 20.62 34.21
N ILE A 42 2.91 20.11 33.36
CA ILE A 42 3.29 19.13 32.35
C ILE A 42 4.31 19.73 31.38
N TYR A 43 4.06 20.96 30.94
CA TYR A 43 5.02 21.61 30.05
C TYR A 43 6.38 21.77 30.71
N ALA A 44 6.40 22.16 31.98
CA ALA A 44 7.66 22.32 32.69
C ALA A 44 8.39 20.99 32.83
N LEU A 45 7.67 19.92 33.15
CA LEU A 45 8.30 18.61 33.25
C LEU A 45 8.86 18.16 31.91
N CYS A 46 8.11 18.40 30.83
CA CYS A 46 8.55 17.98 29.50
C CYS A 46 9.77 18.74 29.01
N VAL A 47 10.04 19.93 29.56
CA VAL A 47 11.20 20.71 29.16
C VAL A 47 11.89 21.26 30.40
N ALA A 48 13.01 20.62 30.75
CA ALA A 48 13.87 21.09 31.86
C ALA A 48 15.28 21.09 31.27
N TYR A 49 16.03 22.19 31.39
CA TYR A 49 17.34 22.27 30.71
C TYR A 49 18.36 21.21 31.17
N PRO A 50 18.52 20.85 32.46
CA PRO A 50 19.54 19.87 32.84
C PRO A 50 19.33 18.52 32.13
N GLU A 51 18.08 18.06 32.03
CA GLU A 51 17.76 16.79 31.33
C GLU A 51 16.24 16.73 31.14
N PRO A 52 15.64 16.62 29.93
CA PRO A 52 14.17 16.61 29.85
C PRO A 52 13.59 15.44 30.62
N LEU A 53 12.70 15.76 31.56
CA LEU A 53 12.09 14.77 32.43
C LEU A 53 10.92 14.03 31.77
N GLY A 54 10.75 14.18 30.45
CA GLY A 54 9.61 13.58 29.80
C GLY A 54 9.60 12.06 29.89
N GLU A 55 10.76 11.44 29.75
CA GLU A 55 10.83 9.98 29.82
C GLU A 55 10.43 9.48 31.20
N ARG A 56 10.90 10.15 32.25
CA ARG A 56 10.48 9.79 33.61
C ARG A 56 8.99 9.99 33.78
N LEU A 57 8.44 11.05 33.20
CA LEU A 57 7.01 11.29 33.27
C LEU A 57 6.24 10.12 32.64
N TYR A 58 6.67 9.70 31.44
CA TYR A 58 6.01 8.59 30.77
C TYR A 58 6.11 7.31 31.60
N THR A 59 7.30 7.02 32.12
CA THR A 59 7.48 5.80 32.89
C THR A 59 6.63 5.80 34.16
N GLU A 60 6.57 6.93 34.85
CA GLU A 60 5.80 6.98 36.10
C GLU A 60 4.30 6.97 35.83
N THR A 61 3.87 7.59 34.74
CA THR A 61 2.47 7.48 34.35
C THR A 61 2.12 6.03 34.05
N LYS A 62 3.04 5.30 33.41
CA LYS A 62 2.80 3.89 33.13
C LYS A 62 2.64 3.11 34.44
N ILE A 63 3.48 3.40 35.43
CA ILE A 63 3.39 2.68 36.69
C ILE A 63 2.09 3.00 37.43
N PHE A 64 1.70 4.28 37.45
CA PHE A 64 0.45 4.66 38.08
C PHE A 64 -0.75 4.00 37.40
N LEU A 65 -0.76 4.04 36.06
CA LEU A 65 -1.86 3.44 35.33
C LEU A 65 -1.90 1.94 35.53
N GLU A 66 -0.73 1.30 35.61
CA GLU A 66 -0.67 -0.12 35.92
C GLU A 66 -1.28 -0.42 37.28
N ASN A 67 -0.91 0.36 38.30
CA ASN A 67 -1.50 0.16 39.62
C ASN A 67 -3.01 0.34 39.58
N HIS A 68 -3.47 1.37 38.86
CA HIS A 68 -4.89 1.64 38.75
C HIS A 68 -5.62 0.46 38.11
N VAL A 69 -5.12 -0.01 36.97
CA VAL A 69 -5.82 -1.08 36.25
C VAL A 69 -5.76 -2.38 37.05
N ARG A 70 -4.66 -2.65 37.75
CA ARG A 70 -4.59 -3.86 38.55
C ARG A 70 -5.58 -3.82 39.71
N HIS A 71 -5.69 -2.66 40.37
CA HIS A 71 -6.66 -2.53 41.46
C HIS A 71 -8.09 -2.66 40.94
N LEU A 72 -8.36 -2.07 39.77
CA LEU A 72 -9.67 -2.24 39.14
C LEU A 72 -9.93 -3.70 38.83
N HIS A 73 -8.93 -4.40 38.31
CA HIS A 73 -9.08 -5.81 37.99
C HIS A 73 -9.37 -6.64 39.23
N LYS A 74 -8.66 -6.37 40.32
CA LYS A 74 -8.89 -7.16 41.53
C LYS A 74 -10.27 -6.90 42.09
N ARG A 75 -10.73 -5.65 42.04
CA ARG A 75 -12.09 -5.35 42.52
C ARG A 75 -13.14 -6.00 41.63
N VAL A 76 -12.92 -6.00 40.32
CA VAL A 76 -13.87 -6.64 39.40
C VAL A 76 -13.92 -8.14 39.63
N LEU A 77 -12.75 -8.78 39.71
CA LEU A 77 -12.69 -10.23 39.86
C LEU A 77 -13.23 -10.67 41.21
N GLU A 78 -13.06 -9.85 42.25
CA GLU A 78 -13.63 -10.19 43.55
C GLU A 78 -15.15 -10.24 43.48
N SER A 79 -15.77 -9.44 42.62
CA SER A 79 -17.21 -9.51 42.43
C SER A 79 -17.57 -10.73 41.60
N GLU A 80 -18.70 -11.35 41.94
CA GLU A 80 -19.19 -12.54 41.26
C GLU A 80 -20.60 -12.28 40.73
N GLU A 81 -20.84 -12.72 39.50
CA GLU A 81 -22.11 -12.65 38.77
C GLU A 81 -22.42 -11.21 38.37
N GLN A 82 -21.66 -10.22 38.84
CA GLN A 82 -21.83 -8.84 38.44
C GLN A 82 -20.64 -8.37 37.61
N VAL A 83 -19.89 -9.30 37.02
CA VAL A 83 -18.69 -8.94 36.28
C VAL A 83 -19.01 -7.99 35.15
N LEU A 84 -20.13 -8.22 34.46
CA LEU A 84 -20.46 -7.40 33.30
C LEU A 84 -20.80 -5.98 33.70
N VAL A 85 -21.68 -5.80 34.70
CA VAL A 85 -22.05 -4.46 35.14
C VAL A 85 -20.84 -3.73 35.69
N MET A 86 -20.06 -4.43 36.52
CA MET A 86 -18.90 -3.82 37.17
C MET A 86 -17.87 -3.39 36.12
N TYR A 87 -17.61 -4.27 35.15
CA TYR A 87 -16.70 -3.95 34.05
C TYR A 87 -17.22 -2.80 33.21
N HIS A 88 -18.53 -2.76 32.94
CA HIS A 88 -19.07 -1.67 32.14
C HIS A 88 -18.93 -0.34 32.87
N ARG A 89 -19.20 -0.32 34.17
CA ARG A 89 -19.04 0.90 34.94
C ARG A 89 -17.60 1.39 34.89
N TYR A 90 -16.65 0.50 35.19
CA TYR A 90 -15.26 0.95 35.15
C TYR A 90 -14.78 1.22 33.74
N TRP A 91 -15.38 0.59 32.73
CA TRP A 91 -15.01 0.92 31.36
C TRP A 91 -15.46 2.32 30.99
N GLU A 92 -16.68 2.70 31.36
CA GLU A 92 -17.12 4.06 31.12
C GLU A 92 -16.23 5.05 31.83
N GLU A 93 -15.97 4.81 33.12
CA GLU A 93 -15.12 5.72 33.89
C GLU A 93 -13.73 5.81 33.29
N TYR A 94 -13.15 4.66 32.90
CA TYR A 94 -11.77 4.64 32.44
C TYR A 94 -11.65 5.22 31.04
N SER A 95 -12.66 5.02 30.19
CA SER A 95 -12.65 5.63 28.88
C SER A 95 -12.72 7.15 28.99
N LYS A 96 -13.61 7.65 29.84
CA LYS A 96 -13.66 9.09 30.05
C LYS A 96 -12.35 9.62 30.62
N GLY A 97 -11.78 8.90 31.59
CA GLY A 97 -10.53 9.34 32.19
C GLY A 97 -9.38 9.34 31.22
N ALA A 98 -9.28 8.31 30.38
CA ALA A 98 -8.23 8.21 29.38
C ALA A 98 -8.37 9.23 28.27
N ASP A 99 -9.60 9.57 27.87
CA ASP A 99 -9.81 10.66 26.93
C ASP A 99 -9.47 12.01 27.53
N TYR A 100 -9.74 12.20 28.82
CA TYR A 100 -9.40 13.48 29.45
C TYR A 100 -7.91 13.62 29.65
N MET A 101 -7.24 12.59 30.17
CA MET A 101 -5.82 12.72 30.49
C MET A 101 -4.95 12.73 29.25
N ASP A 102 -5.46 12.29 28.10
CA ASP A 102 -4.74 12.50 26.86
C ASP A 102 -4.53 13.98 26.60
N CYS A 103 -5.56 14.79 26.92
CA CYS A 103 -5.43 16.24 26.81
C CYS A 103 -4.38 16.78 27.77
N LEU A 104 -4.38 16.28 29.01
CA LEU A 104 -3.46 16.78 30.03
C LEU A 104 -2.00 16.49 29.73
N TYR A 105 -1.70 15.51 28.87
CA TYR A 105 -0.33 15.25 28.46
C TYR A 105 -0.16 15.60 26.99
N ARG A 106 -0.82 16.66 26.54
CA ARG A 106 -0.83 17.00 25.12
C ARG A 106 0.58 17.28 24.60
N TYR A 107 1.32 18.14 25.29
CA TYR A 107 2.67 18.48 24.85
C TYR A 107 3.57 17.25 24.85
N LEU A 108 3.48 16.44 25.89
CA LEU A 108 4.20 15.18 25.96
C LEU A 108 3.70 14.17 24.94
N ASN A 109 2.50 14.36 24.40
CA ASN A 109 1.95 13.48 23.38
C ASN A 109 2.28 13.91 21.96
N THR A 110 2.74 15.14 21.76
CA THR A 110 3.00 15.65 20.42
C THR A 110 4.42 16.20 20.25
N GLN A 111 5.26 16.12 21.28
CA GLN A 111 6.62 16.62 21.15
C GLN A 111 7.69 15.66 21.68
N PHE A 112 7.36 14.70 22.53
CA PHE A 112 8.33 13.75 23.02
C PHE A 112 8.03 12.32 22.57
N ILE A 113 6.82 11.83 22.81
CA ILE A 113 6.49 10.47 22.40
C ILE A 113 6.35 10.39 20.88
N LYS A 114 5.91 11.47 20.23
CA LYS A 114 5.72 11.44 18.78
C LYS A 114 7.04 11.28 18.04
N LYS A 115 8.08 11.97 18.49
CA LYS A 115 9.38 11.91 17.84
C LYS A 115 10.15 10.64 18.18
N ASN A 116 9.64 9.83 19.11
CA ASN A 116 10.27 8.57 19.46
C ASN A 116 9.37 7.36 19.28
N LYS A 117 8.07 7.55 19.01
CA LYS A 117 7.20 6.44 18.66
C LYS A 117 7.63 5.82 17.34
N LEU A 118 7.52 4.50 17.27
CA LEU A 118 7.82 3.80 16.03
C LEU A 118 6.83 4.21 14.95
N THR A 119 7.34 4.42 13.74
CA THR A 119 6.52 4.91 12.64
C THR A 119 5.57 3.82 12.15
N GLU A 120 4.70 4.20 11.23
CA GLU A 120 3.75 3.25 10.66
C GLU A 120 4.47 2.13 9.92
N ALA A 121 5.52 2.46 9.15
CA ALA A 121 6.30 1.44 8.48
C ALA A 121 7.00 0.54 9.49
N ASP A 122 7.42 1.11 10.62
CA ASP A 122 8.06 0.31 11.66
C ASP A 122 7.11 -0.77 12.19
N LEU A 123 5.88 -0.38 12.53
CA LEU A 123 4.93 -1.34 13.08
C LEU A 123 4.40 -2.27 12.00
N GLN A 124 4.17 -1.75 10.80
CA GLN A 124 3.70 -2.59 9.69
C GLN A 124 4.77 -3.60 9.28
N TYR A 125 6.02 -3.18 9.25
CA TYR A 125 7.09 -4.03 8.76
C TYR A 125 8.30 -4.01 9.69
N PRO A 135 7.79 0.03 21.83
CA PRO A 135 7.18 0.13 23.16
C PRO A 135 6.82 1.55 23.55
N LEU A 136 7.17 2.52 22.70
CA LEU A 136 6.88 3.92 22.96
C LEU A 136 5.72 4.37 22.09
N MET A 137 4.59 4.69 22.72
CA MET A 137 3.38 5.04 22.03
C MET A 137 2.56 5.99 22.91
N GLU A 138 1.63 6.70 22.28
CA GLU A 138 1.03 7.88 22.90
C GLU A 138 0.29 7.54 24.19
N ILE A 139 0.38 8.44 25.17
CA ILE A 139 -0.16 8.20 26.49
C ILE A 139 -1.68 8.05 26.48
N GLY A 140 -2.37 8.75 25.57
CA GLY A 140 -3.82 8.64 25.53
C GLY A 140 -4.28 7.24 25.20
N GLU A 141 -3.66 6.60 24.21
CA GLU A 141 -4.01 5.24 23.86
C GLU A 141 -3.29 4.23 24.76
N LEU A 142 -2.28 4.67 25.49
CA LEU A 142 -1.55 3.76 26.37
C LEU A 142 -2.47 3.18 27.43
N ALA A 143 -3.36 4.01 27.98
CA ALA A 143 -4.32 3.53 28.97
C ALA A 143 -5.21 2.44 28.38
N LEU A 144 -5.72 2.66 27.17
CA LEU A 144 -6.55 1.65 26.51
C LEU A 144 -5.75 0.37 26.23
N ASP A 145 -4.49 0.53 25.81
CA ASP A 145 -3.68 -0.63 25.45
C ASP A 145 -3.42 -1.51 26.66
N MET A 146 -3.04 -0.91 27.78
CA MET A 146 -2.78 -1.75 28.94
C MET A 146 -4.09 -2.16 29.61
N TRP A 147 -5.18 -1.43 29.36
CA TRP A 147 -6.49 -1.96 29.68
C TRP A 147 -6.73 -3.29 28.98
N ARG A 148 -6.44 -3.34 27.68
CA ARG A 148 -6.45 -4.63 26.97
C ARG A 148 -5.55 -5.63 27.66
N LYS A 149 -4.32 -5.23 27.98
CA LYS A 149 -3.34 -6.18 28.49
C LYS A 149 -3.76 -6.78 29.83
N LEU A 150 -4.40 -6.00 30.68
CA LEU A 150 -4.55 -6.40 32.08
C LEU A 150 -5.99 -6.39 32.60
N MET A 151 -6.99 -6.16 31.76
CA MET A 151 -8.38 -6.28 32.18
C MET A 151 -9.15 -7.32 31.40
N VAL A 152 -9.12 -7.26 30.08
CA VAL A 152 -9.87 -8.23 29.28
C VAL A 152 -9.05 -9.50 29.10
N GLU A 153 -7.78 -9.37 28.73
CA GLU A 153 -6.95 -10.57 28.53
C GLU A 153 -6.93 -11.48 29.75
N PRO A 154 -6.75 -10.99 30.97
CA PRO A 154 -6.90 -11.88 32.13
C PRO A 154 -8.32 -12.37 32.36
N LEU A 155 -9.32 -11.71 31.78
CA LEU A 155 -10.72 -12.05 32.04
C LEU A 155 -11.51 -12.33 30.76
N GLN A 156 -10.83 -12.58 29.64
CA GLN A 156 -11.54 -12.74 28.36
C GLN A 156 -12.45 -13.95 28.40
N ALA A 157 -12.01 -15.04 29.03
CA ALA A 157 -12.84 -16.22 29.12
C ALA A 157 -14.12 -15.93 29.90
N ILE A 158 -13.98 -15.30 31.07
CA ILE A 158 -15.14 -14.99 31.89
C ILE A 158 -16.07 -14.03 31.15
N LEU A 159 -15.50 -13.01 30.52
CA LEU A 159 -16.32 -12.03 29.82
C LEU A 159 -17.10 -12.66 28.68
N ILE A 160 -16.43 -13.47 27.85
CA ILE A 160 -17.12 -14.09 26.73
C ILE A 160 -18.18 -15.06 27.22
N ARG A 161 -17.89 -15.80 28.30
CA ARG A 161 -18.90 -16.71 28.83
C ARG A 161 -20.14 -15.97 29.28
N MET A 162 -19.97 -14.88 30.04
CA MET A 162 -21.12 -14.12 30.49
C MET A 162 -21.88 -13.49 29.33
N LEU A 163 -21.15 -12.91 28.36
CA LEU A 163 -21.81 -12.31 27.21
C LEU A 163 -22.63 -13.33 26.43
N LEU A 164 -22.03 -14.47 26.13
CA LEU A 164 -22.74 -15.49 25.38
C LEU A 164 -23.93 -16.05 26.14
N ARG A 165 -23.79 -16.26 27.45
CA ARG A 165 -24.93 -16.74 28.22
C ARG A 165 -26.06 -15.71 28.24
N GLU A 166 -25.74 -14.43 28.37
CA GLU A 166 -26.78 -13.41 28.40
C GLU A 166 -27.46 -13.29 27.04
N ILE A 167 -26.70 -13.38 25.94
CA ILE A 167 -27.32 -13.30 24.63
C ILE A 167 -28.18 -14.53 24.37
N LYS A 168 -27.74 -15.70 24.83
CA LYS A 168 -28.56 -16.89 24.73
C LYS A 168 -29.85 -16.73 25.51
N ASN A 169 -29.77 -16.13 26.72
CA ASN A 169 -30.97 -15.85 27.48
C ASN A 169 -31.89 -14.89 26.74
N ASP A 170 -31.32 -13.89 26.07
CA ASP A 170 -32.14 -12.98 25.26
C ASP A 170 -32.85 -13.73 24.15
N ARG A 171 -32.15 -14.65 23.49
CA ARG A 171 -32.82 -15.47 22.47
C ARG A 171 -33.89 -16.34 23.12
N GLY A 172 -33.69 -16.73 24.38
CA GLY A 172 -34.72 -17.49 25.08
C GLY A 172 -35.99 -16.69 25.29
N GLY A 173 -35.86 -15.38 25.52
CA GLY A 173 -37.02 -14.53 25.69
C GLY A 173 -36.85 -13.47 26.77
N GLU A 174 -36.00 -13.75 27.76
CA GLU A 174 -35.73 -12.76 28.80
C GLU A 174 -34.92 -11.59 28.23
N ASP A 175 -35.17 -10.40 28.77
CA ASP A 175 -34.50 -9.20 28.27
C ASP A 175 -33.38 -8.80 29.21
N PRO A 176 -32.12 -8.88 28.78
CA PRO A 176 -31.01 -8.39 29.60
C PRO A 176 -30.79 -6.89 29.40
N ASN A 177 -29.90 -6.34 30.22
CA ASN A 177 -29.55 -4.93 30.11
C ASN A 177 -28.89 -4.65 28.76
N GLN A 178 -29.60 -3.95 27.88
CA GLN A 178 -29.05 -3.66 26.56
C GLN A 178 -27.83 -2.76 26.66
N LYS A 179 -27.87 -1.77 27.55
CA LYS A 179 -26.77 -0.82 27.64
C LYS A 179 -25.48 -1.50 28.07
N VAL A 180 -25.54 -2.38 29.07
CA VAL A 180 -24.33 -3.01 29.60
C VAL A 180 -23.69 -3.91 28.55
N ILE A 181 -24.50 -4.74 27.88
CA ILE A 181 -23.96 -5.63 26.86
C ILE A 181 -23.42 -4.83 25.68
N HIS A 182 -24.17 -3.85 25.20
CA HIS A 182 -23.67 -3.03 24.11
C HIS A 182 -22.36 -2.35 24.50
N GLY A 183 -22.26 -1.90 25.75
CA GLY A 183 -21.04 -1.30 26.24
C GLY A 183 -19.86 -2.25 26.27
N VAL A 184 -20.07 -3.49 26.70
CA VAL A 184 -18.93 -4.41 26.79
C VAL A 184 -18.45 -4.82 25.39
N ILE A 185 -19.38 -5.12 24.48
CA ILE A 185 -18.92 -5.40 23.11
C ILE A 185 -18.29 -4.18 22.45
N ASN A 186 -18.87 -3.00 22.58
CA ASN A 186 -18.25 -1.80 22.05
C ASN A 186 -16.91 -1.49 22.70
N SER A 187 -16.72 -1.88 23.96
CA SER A 187 -15.41 -1.79 24.59
C SER A 187 -14.42 -2.73 23.92
N PHE A 188 -14.87 -3.94 23.59
CA PHE A 188 -14.00 -4.88 22.88
C PHE A 188 -13.49 -4.32 21.56
N VAL A 189 -14.02 -3.19 21.09
CA VAL A 189 -13.53 -2.51 19.91
C VAL A 189 -12.79 -1.23 20.26
N HIS A 190 -13.36 -0.43 21.16
CA HIS A 190 -12.72 0.83 21.55
C HIS A 190 -11.37 0.60 22.19
N VAL A 191 -11.16 -0.55 22.82
CA VAL A 191 -9.85 -0.84 23.40
C VAL A 191 -8.79 -0.92 22.32
N GLU A 192 -9.19 -1.29 21.10
CA GLU A 192 -8.31 -1.25 19.93
C GLU A 192 -8.76 -0.21 18.92
N GLN A 193 -9.39 0.86 19.38
CA GLN A 193 -10.05 1.81 18.48
C GLN A 193 -9.06 2.48 17.54
N TYR A 194 -7.79 2.60 17.95
CA TYR A 194 -6.78 3.25 17.15
C TYR A 194 -5.59 2.31 17.00
N LYS A 195 -5.63 1.45 15.98
CA LYS A 195 -4.50 0.57 15.68
C LYS A 195 -3.99 0.73 14.27
N LYS A 196 -4.60 1.60 13.45
CA LYS A 196 -4.11 1.97 12.12
C LYS A 196 -4.15 0.81 11.15
N LYS A 197 -4.59 -0.36 11.60
CA LYS A 197 -4.68 -1.55 10.76
C LYS A 197 -5.54 -2.57 11.46
N PHE A 198 -6.60 -3.00 10.77
CA PHE A 198 -7.52 -4.02 11.27
C PHE A 198 -8.01 -3.71 12.69
N PRO A 199 -8.81 -2.65 12.86
CA PRO A 199 -9.25 -2.28 14.21
C PRO A 199 -10.05 -3.37 14.91
N LEU A 200 -10.68 -4.26 14.15
CA LEU A 200 -11.56 -5.26 14.73
C LEU A 200 -10.85 -6.56 15.07
N LYS A 201 -9.52 -6.63 14.92
CA LYS A 201 -8.80 -7.87 15.15
C LYS A 201 -9.10 -8.45 16.53
N PHE A 202 -9.00 -7.62 17.56
CA PHE A 202 -9.38 -8.05 18.90
C PHE A 202 -10.82 -8.55 18.93
N TYR A 203 -11.73 -7.77 18.35
CA TYR A 203 -13.14 -8.13 18.34
C TYR A 203 -13.37 -9.43 17.58
N GLN A 204 -12.87 -9.51 16.34
CA GLN A 204 -13.09 -10.70 15.54
C GLN A 204 -12.47 -11.94 16.18
N GLU A 205 -11.34 -11.76 16.86
CA GLU A 205 -10.67 -12.91 17.46
C GLU A 205 -11.39 -13.41 18.70
N ILE A 206 -11.88 -12.50 19.55
CA ILE A 206 -12.35 -12.89 20.87
C ILE A 206 -13.88 -12.99 20.98
N PHE A 207 -14.65 -12.16 20.29
CA PHE A 207 -16.09 -12.26 20.44
C PHE A 207 -16.77 -12.86 19.21
N GLU A 208 -16.36 -12.45 18.02
CA GLU A 208 -17.07 -12.86 16.81
C GLU A 208 -17.07 -14.38 16.65
N SER A 209 -15.90 -14.99 16.72
CA SER A 209 -15.81 -16.43 16.47
C SER A 209 -16.63 -17.23 17.48
N PRO A 210 -16.46 -17.04 18.80
CA PRO A 210 -17.31 -17.77 19.74
C PRO A 210 -18.79 -17.45 19.59
N PHE A 211 -19.13 -16.18 19.37
CA PHE A 211 -20.53 -15.83 19.17
C PHE A 211 -21.09 -16.50 17.93
N LEU A 212 -20.34 -16.47 16.82
CA LEU A 212 -20.81 -17.11 15.60
C LEU A 212 -21.02 -18.60 15.81
N THR A 213 -20.08 -19.26 16.49
CA THR A 213 -20.20 -20.69 16.73
C THR A 213 -21.42 -21.00 17.59
N GLU A 214 -21.61 -20.26 18.68
CA GLU A 214 -22.74 -20.52 19.56
C GLU A 214 -24.07 -20.25 18.87
N THR A 215 -24.14 -19.18 18.08
CA THR A 215 -25.36 -18.91 17.32
C THR A 215 -25.63 -20.03 16.33
N GLY A 216 -24.59 -20.51 15.65
CA GLY A 216 -24.78 -21.62 14.72
C GLY A 216 -25.32 -22.86 15.41
N GLU A 217 -24.74 -23.23 16.56
CA GLU A 217 -25.21 -24.41 17.26
C GLU A 217 -26.64 -24.24 17.75
N TYR A 218 -26.93 -23.10 18.38
CA TYR A 218 -28.26 -22.86 18.93
C TYR A 218 -29.31 -22.86 17.83
N TYR A 219 -29.00 -22.25 16.68
CA TYR A 219 -29.98 -22.16 15.63
C TYR A 219 -30.11 -23.46 14.87
N LYS A 220 -29.06 -24.28 14.83
CA LYS A 220 -29.23 -25.64 14.32
C LYS A 220 -30.20 -26.42 15.20
N GLN A 221 -30.03 -26.32 16.52
CA GLN A 221 -30.96 -26.99 17.42
C GLN A 221 -32.38 -26.46 17.24
N GLU A 222 -32.53 -25.14 17.14
CA GLU A 222 -33.85 -24.54 17.00
C GLU A 222 -34.50 -24.94 15.67
N ALA A 223 -33.71 -24.98 14.59
CA ALA A 223 -34.25 -25.39 13.30
C ALA A 223 -34.69 -26.84 13.32
N SER A 224 -33.91 -27.71 13.93
CA SER A 224 -34.32 -29.11 14.06
C SER A 224 -35.62 -29.22 14.87
N ASN A 225 -35.69 -28.50 15.99
CA ASN A 225 -36.88 -28.56 16.82
C ASN A 225 -38.11 -28.03 16.08
N LEU A 226 -37.95 -26.94 15.34
CA LEU A 226 -39.07 -26.35 14.61
C LEU A 226 -39.52 -27.28 13.48
N LEU A 227 -38.57 -27.86 12.76
CA LEU A 227 -38.92 -28.77 11.67
C LEU A 227 -39.66 -29.99 12.20
N GLN A 228 -39.21 -30.52 13.35
CA GLN A 228 -39.93 -31.62 13.97
C GLN A 228 -41.32 -31.18 14.42
N GLU A 229 -41.42 -29.97 14.97
CA GLU A 229 -42.65 -29.52 15.60
C GLU A 229 -43.74 -29.17 14.59
N SER A 230 -43.37 -28.42 13.54
CA SER A 230 -44.36 -27.71 12.74
C SER A 230 -44.35 -28.20 11.30
N ASN A 231 -45.46 -27.93 10.62
CA ASN A 231 -45.59 -28.21 9.20
C ASN A 231 -44.71 -27.25 8.40
N CYS A 232 -44.65 -27.47 7.09
CA CYS A 232 -43.77 -26.67 6.22
C CYS A 232 -44.10 -25.18 6.32
N SER A 233 -45.38 -24.83 6.18
CA SER A 233 -45.77 -23.43 6.32
C SER A 233 -45.37 -22.91 7.69
N GLN A 234 -45.95 -23.48 8.74
CA GLN A 234 -45.73 -22.96 10.09
C GLN A 234 -44.24 -22.81 10.36
N TYR A 235 -43.45 -23.84 10.02
CA TYR A 235 -42.00 -23.76 10.12
C TYR A 235 -41.45 -22.55 9.37
N MET A 236 -41.96 -22.27 8.17
CA MET A 236 -41.30 -21.27 7.34
C MET A 236 -41.62 -19.85 7.79
N GLU A 237 -42.86 -19.56 8.21
CA GLU A 237 -43.06 -18.24 8.80
C GLU A 237 -42.33 -18.12 10.14
N LYS A 238 -42.22 -19.23 10.88
CA LYS A 238 -41.43 -19.17 12.12
C LYS A 238 -39.98 -18.82 11.84
N VAL A 239 -39.38 -19.43 10.81
CA VAL A 239 -37.97 -19.15 10.52
C VAL A 239 -37.78 -17.79 9.87
N LEU A 240 -38.83 -17.23 9.24
CA LEU A 240 -38.75 -15.83 8.83
C LEU A 240 -38.78 -14.90 10.05
N GLY A 241 -39.68 -15.18 11.00
CA GLY A 241 -39.76 -14.35 12.19
C GLY A 241 -38.47 -14.42 13.02
N ARG A 242 -37.87 -15.61 13.09
CA ARG A 242 -36.61 -15.74 13.82
C ARG A 242 -35.50 -14.96 13.15
N LEU A 243 -35.48 -14.93 11.82
CA LEU A 243 -34.49 -14.12 11.11
C LEU A 243 -34.69 -12.64 11.41
N LYS A 244 -35.94 -12.17 11.41
CA LYS A 244 -36.20 -10.77 11.74
C LYS A 244 -35.78 -10.45 13.17
N ASP A 245 -36.09 -11.35 14.11
CA ASP A 245 -35.69 -11.16 15.49
C ASP A 245 -34.17 -11.17 15.63
N GLU A 246 -33.49 -11.96 14.80
CA GLU A 246 -32.03 -11.96 14.77
C GLU A 246 -31.50 -10.62 14.31
N GLU A 247 -32.11 -10.05 13.27
CA GLU A 247 -31.69 -8.71 12.84
C GLU A 247 -31.88 -7.70 13.97
N ILE A 248 -33.01 -7.80 14.68
CA ILE A 248 -33.26 -6.88 15.80
C ILE A 248 -32.21 -7.05 16.88
N ARG A 249 -31.92 -8.30 17.26
CA ARG A 249 -30.94 -8.54 18.31
C ARG A 249 -29.55 -8.06 17.89
N CYS A 250 -29.18 -8.29 16.64
CA CYS A 250 -27.91 -7.77 16.13
C CYS A 250 -27.84 -6.27 16.27
N ARG A 251 -28.88 -5.57 15.79
CA ARG A 251 -28.89 -4.11 15.89
C ARG A 251 -28.78 -3.66 17.35
N LYS A 252 -29.41 -4.40 18.27
CA LYS A 252 -29.38 -4.00 19.66
C LYS A 252 -27.99 -4.19 20.27
N TYR A 253 -27.38 -5.35 20.07
CA TYR A 253 -26.18 -5.67 20.84
C TYR A 253 -24.88 -5.48 20.08
N LEU A 254 -24.72 -6.16 18.95
CA LEU A 254 -23.41 -6.29 18.32
C LEU A 254 -23.02 -5.01 17.59
N HIS A 255 -21.74 -4.95 17.22
CA HIS A 255 -21.23 -3.90 16.37
C HIS A 255 -21.79 -4.07 14.96
N PRO A 256 -22.04 -2.95 14.25
CA PRO A 256 -22.75 -3.06 12.96
C PRO A 256 -22.09 -3.96 11.94
N SER A 257 -20.76 -4.06 11.92
CA SER A 257 -20.09 -4.82 10.88
C SER A 257 -20.37 -6.32 10.97
N SER A 258 -20.83 -6.81 12.12
CA SER A 258 -21.09 -8.23 12.30
C SER A 258 -22.52 -8.64 11.98
N TYR A 259 -23.39 -7.67 11.65
CA TYR A 259 -24.79 -8.01 11.36
C TYR A 259 -24.88 -8.96 10.18
N THR A 260 -24.16 -8.65 9.09
CA THR A 260 -24.24 -9.49 7.90
C THR A 260 -23.73 -10.90 8.19
N LYS A 261 -22.62 -11.02 8.91
CA LYS A 261 -22.08 -12.34 9.22
C LYS A 261 -23.04 -13.15 10.08
N VAL A 262 -23.61 -12.52 11.11
CA VAL A 262 -24.53 -13.26 11.99
C VAL A 262 -25.77 -13.68 11.22
N ILE A 263 -26.33 -12.78 10.40
CA ILE A 263 -27.51 -13.12 9.62
C ILE A 263 -27.20 -14.25 8.65
N HIS A 264 -26.04 -14.18 8.00
CA HIS A 264 -25.66 -15.23 7.05
C HIS A 264 -25.55 -16.58 7.74
N GLU A 265 -24.87 -16.62 8.89
CA GLU A 265 -24.74 -17.87 9.61
C GLU A 265 -26.10 -18.39 10.07
N CYS A 266 -26.95 -17.51 10.59
CA CYS A 266 -28.27 -17.95 11.06
C CYS A 266 -29.09 -18.52 9.92
N GLN A 267 -29.10 -17.85 8.77
CA GLN A 267 -29.93 -18.32 7.66
C GLN A 267 -29.36 -19.61 7.07
N GLN A 268 -28.05 -19.73 6.97
CA GLN A 268 -27.47 -20.97 6.45
C GLN A 268 -27.69 -22.12 7.42
N ARG A 269 -27.78 -21.83 8.71
CA ARG A 269 -28.09 -22.89 9.68
C ARG A 269 -29.59 -23.15 9.74
N MET A 270 -30.39 -22.24 9.20
CA MET A 270 -31.84 -22.35 9.31
C MET A 270 -32.49 -23.02 8.11
N VAL A 271 -32.17 -22.57 6.89
CA VAL A 271 -32.86 -23.06 5.69
C VAL A 271 -31.91 -23.85 4.81
N ALA A 272 -30.64 -23.42 4.74
CA ALA A 272 -29.67 -24.14 3.91
C ALA A 272 -29.45 -25.55 4.45
N ASP A 273 -29.58 -25.73 5.76
CA ASP A 273 -29.44 -27.06 6.34
C ASP A 273 -30.58 -27.98 5.88
N HIS A 274 -31.79 -27.43 5.74
CA HIS A 274 -32.96 -28.21 5.38
C HIS A 274 -33.55 -27.78 4.04
N LEU A 275 -32.69 -27.50 3.05
CA LEU A 275 -33.19 -27.08 1.74
C LEU A 275 -33.97 -28.19 1.06
N GLN A 276 -33.66 -29.45 1.40
CA GLN A 276 -34.34 -30.58 0.77
C GLN A 276 -35.83 -30.57 1.09
N PHE A 277 -36.17 -30.23 2.34
CA PHE A 277 -37.57 -30.17 2.75
C PHE A 277 -38.34 -29.12 1.94
N LEU A 278 -37.76 -27.92 1.81
CA LEU A 278 -38.41 -26.86 1.05
C LEU A 278 -38.54 -27.26 -0.42
N HIS A 279 -37.49 -27.85 -0.98
CA HIS A 279 -37.53 -28.25 -2.38
C HIS A 279 -38.58 -29.33 -2.62
N ALA A 280 -38.72 -30.27 -1.67
CA ALA A 280 -39.73 -31.30 -1.78
C ALA A 280 -41.14 -30.70 -1.73
N GLU A 281 -41.35 -29.73 -0.83
CA GLU A 281 -42.65 -29.09 -0.75
C GLU A 281 -42.91 -28.14 -1.92
N CYS A 282 -41.85 -27.79 -2.67
CA CYS A 282 -41.98 -26.78 -3.72
C CYS A 282 -42.99 -27.17 -4.79
N HIS A 283 -42.95 -28.42 -5.26
CA HIS A 283 -43.84 -28.81 -6.34
C HIS A 283 -45.30 -28.62 -5.95
N ASN A 284 -45.69 -29.19 -4.81
CA ASN A 284 -47.06 -29.08 -4.34
C ASN A 284 -47.44 -27.63 -4.08
N ILE A 285 -46.52 -26.85 -3.50
CA ILE A 285 -46.87 -25.49 -3.10
C ILE A 285 -46.99 -24.59 -4.32
N ILE A 286 -46.18 -24.85 -5.35
CA ILE A 286 -46.28 -24.08 -6.60
C ILE A 286 -47.58 -24.41 -7.32
N ARG A 287 -47.87 -25.71 -7.48
CA ARG A 287 -49.01 -26.09 -8.30
C ARG A 287 -50.32 -25.84 -7.57
N GLN A 288 -50.30 -25.86 -6.25
CA GLN A 288 -51.45 -25.47 -5.44
C GLN A 288 -51.21 -24.05 -4.92
N GLU A 289 -51.94 -23.08 -5.49
CA GLU A 289 -51.61 -21.68 -5.29
C GLU A 289 -51.63 -21.30 -3.82
N LYS A 290 -50.49 -20.82 -3.33
CA LYS A 290 -50.29 -20.43 -1.94
C LYS A 290 -49.51 -19.11 -1.89
N LYS A 291 -50.04 -18.11 -2.62
CA LYS A 291 -49.32 -16.87 -2.91
C LYS A 291 -48.55 -16.31 -1.72
N ASN A 292 -49.16 -16.33 -0.53
CA ASN A 292 -48.44 -15.88 0.66
C ASN A 292 -47.18 -16.72 0.88
N ASP A 293 -47.33 -18.05 0.80
CA ASP A 293 -46.16 -18.91 0.94
C ASP A 293 -45.26 -18.81 -0.29
N MET A 294 -45.82 -18.41 -1.44
CA MET A 294 -44.95 -18.09 -2.58
C MET A 294 -43.96 -17.00 -2.21
N ALA A 295 -44.47 -15.88 -1.70
CA ALA A 295 -43.59 -14.77 -1.32
C ALA A 295 -42.63 -15.20 -0.20
N ASN A 296 -43.13 -15.97 0.76
CA ASN A 296 -42.28 -16.38 1.88
C ASN A 296 -41.16 -17.33 1.42
N MET A 297 -41.48 -18.29 0.56
CA MET A 297 -40.45 -19.15 -0.02
C MET A 297 -39.44 -18.33 -0.79
N TYR A 298 -39.90 -17.35 -1.57
CA TYR A 298 -38.99 -16.55 -2.36
C TYR A 298 -38.03 -15.77 -1.48
N VAL A 299 -38.54 -15.15 -0.41
CA VAL A 299 -37.67 -14.35 0.44
C VAL A 299 -36.73 -15.26 1.24
N LEU A 300 -37.18 -16.47 1.59
CA LEU A 300 -36.31 -17.40 2.29
C LEU A 300 -35.16 -17.86 1.40
N LEU A 301 -35.44 -18.24 0.16
CA LEU A 301 -34.41 -18.79 -0.71
C LEU A 301 -33.71 -17.74 -1.56
N ARG A 302 -34.04 -16.46 -1.41
CA ARG A 302 -33.29 -15.42 -2.11
C ARG A 302 -31.82 -15.43 -1.71
N ALA A 303 -31.54 -15.75 -0.44
CA ALA A 303 -30.16 -15.78 0.05
C ALA A 303 -29.43 -17.06 -0.34
N VAL A 304 -29.99 -18.21 0.01
CA VAL A 304 -29.35 -19.48 -0.31
C VAL A 304 -29.42 -19.73 -1.81
N SER A 305 -28.28 -20.05 -2.41
CA SER A 305 -28.22 -20.19 -3.87
C SER A 305 -28.96 -21.44 -4.34
N THR A 306 -29.08 -22.44 -3.46
CA THR A 306 -29.69 -23.71 -3.87
C THR A 306 -31.18 -23.54 -4.18
N GLY A 307 -31.87 -22.69 -3.42
CA GLY A 307 -33.31 -22.62 -3.53
C GLY A 307 -33.81 -22.08 -4.86
N LEU A 308 -33.16 -21.03 -5.36
CA LEU A 308 -33.71 -20.28 -6.49
C LEU A 308 -33.90 -21.12 -7.76
N PRO A 309 -32.90 -21.87 -8.26
CA PRO A 309 -33.10 -22.55 -9.55
C PRO A 309 -34.25 -23.55 -9.53
N HIS A 310 -34.45 -24.28 -8.44
CA HIS A 310 -35.56 -25.22 -8.37
C HIS A 310 -36.89 -24.48 -8.31
N MET A 311 -36.92 -23.35 -7.60
CA MET A 311 -38.10 -22.48 -7.65
C MET A 311 -38.43 -22.12 -9.09
N ILE A 312 -37.41 -21.70 -9.84
CA ILE A 312 -37.59 -21.28 -11.23
C ILE A 312 -38.15 -22.44 -12.06
N GLN A 313 -37.55 -23.62 -11.91
CA GLN A 313 -37.94 -24.77 -12.72
C GLN A 313 -39.37 -25.19 -12.42
N GLU A 314 -39.74 -25.26 -11.13
CA GLU A 314 -41.10 -25.64 -10.78
C GLU A 314 -42.11 -24.60 -11.25
N LEU A 315 -41.77 -23.31 -11.13
CA LEU A 315 -42.67 -22.28 -11.63
C LEU A 315 -42.88 -22.40 -13.14
N GLN A 316 -41.78 -22.63 -13.87
CA GLN A 316 -41.89 -22.78 -15.32
C GLN A 316 -42.73 -23.99 -15.69
N ASN A 317 -42.53 -25.11 -14.98
CA ASN A 317 -43.31 -26.31 -15.26
C ASN A 317 -44.80 -26.08 -15.00
N HIS A 318 -45.13 -25.43 -13.88
CA HIS A 318 -46.53 -25.16 -13.58
C HIS A 318 -47.15 -24.24 -14.61
N ILE A 319 -46.43 -23.19 -15.00
CA ILE A 319 -46.94 -22.25 -16.00
C ILE A 319 -47.18 -22.97 -17.32
N HIS A 320 -46.20 -23.78 -17.74
CA HIS A 320 -46.34 -24.48 -19.01
C HIS A 320 -47.52 -25.46 -18.96
N ASP A 321 -47.67 -26.19 -17.86
CA ASP A 321 -48.77 -27.13 -17.75
C ASP A 321 -50.11 -26.42 -17.84
N GLU A 322 -50.29 -25.36 -17.05
CA GLU A 322 -51.57 -24.65 -17.05
C GLU A 322 -51.87 -24.02 -18.40
N GLY A 323 -50.87 -23.38 -19.01
CA GLY A 323 -51.10 -22.74 -20.30
C GLY A 323 -51.39 -23.74 -21.41
N LEU A 324 -50.63 -24.84 -21.44
CA LEU A 324 -50.88 -25.87 -22.45
C LEU A 324 -52.26 -26.49 -22.27
N ARG A 325 -52.66 -26.72 -21.01
CA ARG A 325 -54.01 -27.25 -20.76
C ARG A 325 -55.07 -26.29 -21.26
N ALA A 326 -54.93 -25.01 -20.93
CA ALA A 326 -55.92 -24.02 -21.33
C ALA A 326 -56.00 -23.91 -22.85
N THR A 327 -54.85 -23.94 -23.52
CA THR A 327 -54.86 -23.88 -24.98
C THR A 327 -55.43 -25.14 -25.60
N SER A 328 -55.21 -26.29 -24.96
CA SER A 328 -55.64 -27.56 -25.53
C SER A 328 -57.10 -27.87 -25.23
N ASN A 329 -57.72 -27.11 -24.31
CA ASN A 329 -59.15 -27.30 -24.10
C ASN A 329 -59.94 -27.06 -25.37
N LEU A 330 -59.59 -26.02 -26.13
CA LEU A 330 -60.23 -25.75 -27.41
C LEU A 330 -59.36 -26.30 -28.54
N THR A 331 -59.98 -27.06 -29.44
CA THR A 331 -59.32 -27.64 -30.59
C THR A 331 -60.17 -27.40 -31.82
N GLN A 332 -59.56 -26.83 -32.86
CA GLN A 332 -60.26 -26.45 -34.09
C GLN A 332 -61.49 -25.59 -33.79
N GLU A 333 -61.27 -24.57 -32.95
CA GLU A 333 -62.33 -23.63 -32.62
C GLU A 333 -62.79 -22.82 -33.82
N ASN A 334 -62.00 -22.80 -34.91
CA ASN A 334 -62.30 -22.05 -36.12
C ASN A 334 -62.28 -20.56 -35.87
N MET A 335 -61.91 -20.16 -34.65
CA MET A 335 -61.82 -18.76 -34.28
C MET A 335 -60.48 -18.53 -33.60
N PRO A 336 -59.44 -18.12 -34.33
CA PRO A 336 -58.10 -18.02 -33.70
C PRO A 336 -58.04 -17.01 -32.58
N THR A 337 -58.99 -16.08 -32.50
CA THR A 337 -58.99 -15.10 -31.42
C THR A 337 -59.13 -15.77 -30.06
N LEU A 338 -59.81 -16.91 -30.00
CA LEU A 338 -59.95 -17.62 -28.73
C LEU A 338 -58.59 -18.10 -28.21
N PHE A 339 -57.78 -18.67 -29.09
CA PHE A 339 -56.45 -19.14 -28.68
C PHE A 339 -55.58 -17.98 -28.20
N VAL A 340 -55.60 -16.87 -28.93
CA VAL A 340 -54.79 -15.71 -28.57
C VAL A 340 -55.26 -15.15 -27.22
N GLU A 341 -56.57 -15.08 -27.03
CA GLU A 341 -57.11 -14.58 -25.77
C GLU A 341 -56.73 -15.47 -24.61
N SER A 342 -56.78 -16.79 -24.80
CA SER A 342 -56.36 -17.70 -23.74
C SER A 342 -54.89 -17.52 -23.41
N VAL A 343 -54.04 -17.38 -24.43
CA VAL A 343 -52.61 -17.17 -24.20
C VAL A 343 -52.40 -15.87 -23.44
N LEU A 344 -53.11 -14.81 -23.84
CA LEU A 344 -52.97 -13.52 -23.16
C LEU A 344 -53.43 -13.60 -21.72
N GLU A 345 -54.52 -14.32 -21.46
CA GLU A 345 -54.99 -14.48 -20.09
C GLU A 345 -53.96 -15.21 -19.23
N VAL A 346 -53.39 -16.28 -19.76
CA VAL A 346 -52.35 -17.02 -19.03
C VAL A 346 -51.16 -16.13 -18.75
N HIS A 347 -50.71 -15.39 -19.78
CA HIS A 347 -49.57 -14.51 -19.61
C HIS A 347 -49.82 -13.44 -18.57
N GLY A 348 -50.99 -12.79 -18.63
CA GLY A 348 -51.29 -11.76 -17.66
C GLY A 348 -51.41 -12.28 -16.25
N LYS A 349 -52.05 -13.45 -16.08
CA LYS A 349 -52.16 -14.05 -14.76
C LYS A 349 -50.80 -14.33 -14.16
N PHE A 350 -49.90 -14.93 -14.96
CA PHE A 350 -48.60 -15.27 -14.38
C PHE A 350 -47.71 -14.04 -14.20
N VAL A 351 -47.84 -13.03 -15.07
CA VAL A 351 -47.09 -11.80 -14.86
C VAL A 351 -47.53 -11.12 -13.58
N GLN A 352 -48.83 -11.03 -13.33
CA GLN A 352 -49.30 -10.38 -12.11
C GLN A 352 -48.94 -11.21 -10.88
N LEU A 353 -48.98 -12.54 -11.00
CA LEU A 353 -48.53 -13.38 -9.89
C LEU A 353 -47.07 -13.13 -9.56
N ILE A 354 -46.21 -13.04 -10.60
CA ILE A 354 -44.79 -12.80 -10.38
C ILE A 354 -44.59 -11.45 -9.73
N ASN A 355 -45.22 -10.40 -10.29
CA ASN A 355 -45.03 -9.06 -9.76
C ASN A 355 -45.60 -8.93 -8.36
N THR A 356 -46.55 -9.79 -8.00
CA THR A 356 -47.15 -9.73 -6.67
C THR A 356 -46.30 -10.44 -5.63
N VAL A 357 -46.05 -11.74 -5.83
CA VAL A 357 -45.39 -12.52 -4.78
C VAL A 357 -43.89 -12.64 -5.00
N LEU A 358 -43.44 -12.70 -6.24
CA LEU A 358 -42.01 -12.86 -6.54
C LEU A 358 -41.31 -11.54 -6.79
N ASN A 359 -42.01 -10.41 -6.63
CA ASN A 359 -41.43 -9.08 -6.76
C ASN A 359 -40.86 -8.85 -8.15
N GLY A 360 -41.44 -9.49 -9.16
CA GLY A 360 -40.99 -9.28 -10.53
C GLY A 360 -39.55 -9.69 -10.76
N ASP A 361 -39.14 -10.84 -10.23
CA ASP A 361 -37.76 -11.28 -10.39
C ASP A 361 -37.46 -11.61 -11.84
N GLN A 362 -36.24 -11.30 -12.27
CA GLN A 362 -35.84 -11.56 -13.65
C GLN A 362 -35.86 -13.04 -13.98
N HIS A 363 -35.38 -13.88 -13.05
CA HIS A 363 -35.34 -15.31 -13.31
C HIS A 363 -36.74 -15.89 -13.48
N PHE A 364 -37.68 -15.46 -12.63
CA PHE A 364 -39.03 -16.00 -12.71
C PHE A 364 -39.75 -15.57 -13.98
N MET A 365 -39.58 -14.30 -14.37
CA MET A 365 -40.20 -13.87 -15.63
C MET A 365 -39.54 -14.55 -16.82
N SER A 366 -38.24 -14.81 -16.74
CA SER A 366 -37.58 -15.58 -17.79
C SER A 366 -38.15 -17.00 -17.88
N ALA A 367 -38.40 -17.62 -16.73
CA ALA A 367 -39.02 -18.94 -16.72
C ALA A 367 -40.42 -18.89 -17.32
N LEU A 368 -41.17 -17.83 -17.00
CA LEU A 368 -42.50 -17.67 -17.58
C LEU A 368 -42.42 -17.54 -19.10
N ASP A 369 -41.46 -16.76 -19.59
CA ASP A 369 -41.27 -16.62 -21.03
C ASP A 369 -40.90 -17.96 -21.67
N LYS A 370 -40.02 -18.73 -21.02
CA LYS A 370 -39.67 -20.04 -21.54
C LYS A 370 -40.88 -20.96 -21.61
N ALA A 371 -41.69 -20.98 -20.55
CA ALA A 371 -42.87 -21.84 -20.52
C ALA A 371 -43.86 -21.43 -21.61
N LEU A 372 -44.06 -20.12 -21.79
CA LEU A 372 -45.00 -19.65 -22.79
C LEU A 372 -44.48 -19.93 -24.20
N THR A 373 -43.16 -19.85 -24.39
CA THR A 373 -42.58 -20.20 -25.68
C THR A 373 -42.74 -21.69 -25.97
N SER A 374 -42.67 -22.51 -24.93
CA SER A 374 -42.96 -23.93 -25.10
C SER A 374 -44.39 -24.15 -25.57
N VAL A 375 -45.33 -23.40 -25.00
CA VAL A 375 -46.71 -23.38 -25.49
C VAL A 375 -46.71 -22.59 -26.79
N VAL A 376 -47.83 -22.63 -27.52
CA VAL A 376 -48.00 -21.94 -28.80
C VAL A 376 -47.12 -22.60 -29.86
N ASN A 377 -45.80 -22.60 -29.64
CA ASN A 377 -44.86 -23.22 -30.57
C ASN A 377 -44.73 -24.71 -30.25
N TYR A 378 -45.85 -25.43 -30.42
CA TYR A 378 -45.90 -26.85 -30.17
C TYR A 378 -46.51 -27.56 -31.38
N ARG A 379 -46.01 -28.75 -31.66
CA ARG A 379 -46.41 -29.53 -32.83
C ARG A 379 -47.53 -30.52 -32.52
N GLU A 380 -48.10 -30.48 -31.31
CA GLU A 380 -49.19 -31.38 -30.98
C GLU A 380 -50.38 -31.31 -31.95
N PRO A 381 -50.83 -30.13 -32.41
CA PRO A 381 -51.88 -30.11 -33.43
C PRO A 381 -51.40 -30.75 -34.72
N LYS A 382 -52.37 -31.28 -35.49
CA LYS A 382 -52.06 -31.99 -36.72
C LYS A 382 -51.29 -31.11 -37.71
N SER A 383 -51.73 -29.86 -37.86
CA SER A 383 -51.05 -28.92 -38.75
C SER A 383 -49.81 -28.38 -38.06
N VAL A 384 -48.63 -28.73 -38.58
CA VAL A 384 -47.39 -28.20 -38.03
C VAL A 384 -47.28 -26.71 -38.32
N CYS A 385 -46.68 -25.97 -37.38
CA CYS A 385 -46.51 -24.53 -37.50
C CYS A 385 -47.87 -23.83 -37.65
N LYS A 386 -48.88 -24.33 -36.93
CA LYS A 386 -50.21 -23.77 -37.03
C LYS A 386 -50.30 -22.42 -36.32
N ALA A 387 -49.41 -22.18 -35.36
CA ALA A 387 -49.49 -20.94 -34.58
C ALA A 387 -49.27 -19.68 -35.43
N PRO A 388 -48.24 -19.58 -36.28
CA PRO A 388 -48.14 -18.38 -37.13
C PRO A 388 -49.33 -18.21 -38.06
N GLU A 389 -49.88 -19.31 -38.58
CA GLU A 389 -51.04 -19.21 -39.45
C GLU A 389 -52.25 -18.67 -38.69
N LEU A 390 -52.45 -19.15 -37.45
CA LEU A 390 -53.55 -18.65 -36.64
C LEU A 390 -53.35 -17.18 -36.29
N LEU A 391 -52.10 -16.78 -36.02
CA LEU A 391 -51.81 -15.38 -35.78
C LEU A 391 -52.14 -14.54 -37.01
N ALA A 392 -51.81 -15.04 -38.19
CA ALA A 392 -52.14 -14.33 -39.43
C ALA A 392 -53.65 -14.22 -39.60
N LYS A 393 -54.38 -15.30 -39.32
CA LYS A 393 -55.84 -15.25 -39.42
C LYS A 393 -56.41 -14.22 -38.47
N TYR A 394 -55.89 -14.18 -37.24
CA TYR A 394 -56.34 -13.19 -36.26
C TYR A 394 -56.08 -11.77 -36.74
N CYS A 395 -54.88 -11.52 -37.26
CA CYS A 395 -54.56 -10.18 -37.76
C CYS A 395 -55.46 -9.79 -38.92
N ASP A 396 -55.70 -10.73 -39.84
CA ASP A 396 -56.57 -10.43 -40.98
C ASP A 396 -57.99 -10.15 -40.53
N ASN A 397 -58.52 -10.95 -39.61
CA ASN A 397 -59.88 -10.73 -39.12
C ASN A 397 -59.99 -9.37 -38.44
N LEU A 398 -58.95 -8.98 -37.72
CA LEU A 398 -58.93 -7.63 -37.15
C LEU A 398 -58.91 -6.57 -38.24
N LEU A 399 -58.13 -6.80 -39.30
CA LEU A 399 -57.96 -5.78 -40.33
C LEU A 399 -59.07 -5.82 -41.37
N LYS A 400 -59.42 -7.03 -41.83
CA LYS A 400 -60.43 -7.15 -42.89
C LYS A 400 -61.78 -6.63 -42.40
N LYS A 401 -62.54 -6.05 -43.33
CA LYS A 401 -63.83 -5.46 -42.98
C LYS A 401 -64.77 -6.49 -42.37
N SER A 402 -64.85 -7.67 -43.00
CA SER A 402 -65.67 -8.78 -42.50
C SER A 402 -67.14 -8.39 -42.34
N ALA A 403 -67.58 -7.39 -43.11
CA ALA A 403 -68.96 -6.89 -43.06
C ALA A 403 -69.38 -6.54 -41.64
N LYS A 404 -68.47 -5.87 -40.91
CA LYS A 404 -68.73 -5.52 -39.52
C LYS A 404 -68.10 -4.17 -39.22
N GLY A 405 -68.80 -3.37 -38.41
CA GLY A 405 -68.30 -2.11 -37.94
C GLY A 405 -67.63 -2.30 -36.59
N MET A 406 -66.32 -2.07 -36.56
CA MET A 406 -65.50 -2.38 -35.40
C MET A 406 -64.74 -1.14 -34.95
N THR A 407 -64.68 -0.94 -33.64
CA THR A 407 -64.02 0.24 -33.09
C THR A 407 -62.51 0.19 -33.36
N GLU A 408 -61.98 1.30 -33.87
CA GLU A 408 -60.55 1.34 -34.20
C GLU A 408 -59.68 1.25 -32.94
N ASN A 409 -60.09 1.92 -31.86
CA ASN A 409 -59.31 1.87 -30.63
C ASN A 409 -59.25 0.45 -30.06
N GLU A 410 -60.37 -0.27 -30.10
CA GLU A 410 -60.38 -1.64 -29.62
C GLU A 410 -59.52 -2.54 -30.50
N VAL A 411 -59.52 -2.30 -31.81
CA VAL A 411 -58.63 -3.05 -32.71
C VAL A 411 -57.18 -2.77 -32.36
N GLU A 412 -56.85 -1.51 -32.07
CA GLU A 412 -55.48 -1.18 -31.68
C GLU A 412 -55.10 -1.87 -30.37
N ASP A 413 -56.03 -1.93 -29.42
CA ASP A 413 -55.77 -2.65 -28.18
C ASP A 413 -55.53 -4.14 -28.43
N ARG A 414 -56.34 -4.74 -29.30
CA ARG A 414 -56.15 -6.14 -29.66
C ARG A 414 -54.79 -6.36 -30.29
N LEU A 415 -54.38 -5.47 -31.19
CA LEU A 415 -53.08 -5.59 -31.83
C LEU A 415 -51.95 -5.45 -30.81
N THR A 416 -52.09 -4.50 -29.88
CA THR A 416 -51.06 -4.32 -28.85
C THR A 416 -50.94 -5.55 -27.98
N SER A 417 -52.07 -6.17 -27.63
CA SER A 417 -52.03 -7.42 -26.89
C SER A 417 -51.38 -8.52 -27.72
N PHE A 418 -51.72 -8.60 -29.01
CA PHE A 418 -51.15 -9.62 -29.89
C PHE A 418 -49.65 -9.45 -30.05
N ILE A 419 -49.13 -8.24 -29.84
CA ILE A 419 -47.70 -8.00 -29.98
C ILE A 419 -46.90 -8.93 -29.07
N THR A 420 -47.36 -9.11 -27.83
CA THR A 420 -46.62 -9.93 -26.87
C THR A 420 -46.57 -11.38 -27.31
N VAL A 421 -47.73 -11.96 -27.64
CA VAL A 421 -47.75 -13.36 -28.04
C VAL A 421 -46.98 -13.57 -29.33
N PHE A 422 -47.03 -12.59 -30.24
CA PHE A 422 -46.22 -12.66 -31.45
C PHE A 422 -44.73 -12.63 -31.13
N LYS A 423 -44.34 -11.84 -30.13
CA LYS A 423 -42.93 -11.84 -29.71
C LYS A 423 -42.56 -13.19 -29.12
N TYR A 424 -43.51 -13.89 -28.51
CA TYR A 424 -43.20 -15.18 -27.90
C TYR A 424 -43.05 -16.30 -28.92
N ILE A 425 -43.67 -16.18 -30.10
CA ILE A 425 -43.58 -17.27 -31.06
C ILE A 425 -42.17 -17.36 -31.62
N ASP A 426 -41.71 -18.59 -31.86
CA ASP A 426 -40.34 -18.80 -32.30
C ASP A 426 -40.14 -18.42 -33.76
N ASP A 427 -41.06 -18.81 -34.64
CA ASP A 427 -40.92 -18.64 -36.08
C ASP A 427 -41.87 -17.56 -36.57
N LYS A 428 -41.33 -16.59 -37.31
CA LYS A 428 -42.13 -15.51 -37.88
C LYS A 428 -42.08 -15.45 -39.39
N ASP A 429 -41.17 -16.20 -40.04
CA ASP A 429 -41.09 -16.19 -41.49
C ASP A 429 -42.35 -16.76 -42.11
N VAL A 430 -42.86 -17.87 -41.56
CA VAL A 430 -44.12 -18.43 -42.04
C VAL A 430 -45.25 -17.45 -41.84
N PHE A 431 -45.29 -16.81 -40.67
CA PHE A 431 -46.30 -15.78 -40.43
C PHE A 431 -46.14 -14.64 -41.41
N GLN A 432 -44.90 -14.27 -41.75
CA GLN A 432 -44.68 -13.18 -42.69
C GLN A 432 -45.19 -13.55 -44.08
N LYS A 433 -44.97 -14.79 -44.52
CA LYS A 433 -45.48 -15.21 -45.82
C LYS A 433 -47.00 -15.22 -45.82
N PHE A 434 -47.61 -15.75 -44.75
CA PHE A 434 -49.07 -15.72 -44.66
C PHE A 434 -49.60 -14.29 -44.63
N TYR A 435 -48.88 -13.40 -43.95
CA TYR A 435 -49.25 -12.00 -43.91
C TYR A 435 -49.23 -11.38 -45.30
N ALA A 436 -48.18 -11.63 -46.06
CA ALA A 436 -48.11 -11.10 -47.42
C ALA A 436 -49.25 -11.64 -48.28
N ARG A 437 -49.51 -12.95 -48.19
CA ARG A 437 -50.56 -13.54 -49.01
C ARG A 437 -51.93 -12.96 -48.66
N MET A 438 -52.25 -12.90 -47.37
CA MET A 438 -53.58 -12.42 -46.97
C MET A 438 -53.72 -10.92 -47.20
N LEU A 439 -52.61 -10.18 -47.08
CA LEU A 439 -52.65 -8.76 -47.38
C LEU A 439 -52.94 -8.53 -48.86
N ALA A 440 -52.31 -9.31 -49.73
CA ALA A 440 -52.63 -9.23 -51.15
C ALA A 440 -54.08 -9.59 -51.40
N LYS A 441 -54.58 -10.63 -50.74
CA LYS A 441 -55.97 -11.05 -50.91
C LYS A 441 -56.93 -9.93 -50.51
N ARG A 442 -56.71 -9.33 -49.34
CA ARG A 442 -57.64 -8.32 -48.85
C ARG A 442 -57.52 -7.01 -49.63
N LEU A 443 -56.33 -6.71 -50.16
CA LEU A 443 -56.19 -5.56 -51.05
C LEU A 443 -56.93 -5.79 -52.35
N ILE A 444 -56.89 -7.01 -52.87
CA ILE A 444 -57.65 -7.34 -54.07
C ILE A 444 -59.14 -7.21 -53.80
N HIS A 445 -59.61 -7.77 -52.69
CA HIS A 445 -61.02 -7.67 -52.33
C HIS A 445 -61.38 -6.31 -51.73
N GLY A 446 -60.41 -5.55 -51.25
CA GLY A 446 -60.69 -4.23 -50.73
C GLY A 446 -61.40 -4.17 -49.40
N LEU A 447 -61.37 -5.25 -48.62
CA LEU A 447 -62.08 -5.31 -47.34
C LEU A 447 -61.08 -5.05 -46.21
N SER A 448 -61.18 -3.86 -45.63
CA SER A 448 -60.32 -3.45 -44.52
C SER A 448 -60.99 -2.35 -43.72
N MET A 449 -60.64 -2.26 -42.43
CA MET A 449 -61.13 -1.15 -41.61
C MET A 449 -60.58 0.18 -42.10
N SER A 450 -59.26 0.27 -42.24
CA SER A 450 -58.61 1.51 -42.63
C SER A 450 -57.18 1.21 -43.05
N MET A 451 -56.67 2.00 -44.01
CA MET A 451 -55.26 1.89 -44.38
C MET A 451 -54.35 2.28 -43.22
N ASP A 452 -54.72 3.32 -42.48
CA ASP A 452 -53.91 3.75 -41.35
C ASP A 452 -53.84 2.68 -40.27
N SER A 453 -54.97 2.03 -39.98
CA SER A 453 -54.97 0.95 -39.00
C SER A 453 -54.07 -0.19 -39.45
N GLU A 454 -54.13 -0.56 -40.74
CA GLU A 454 -53.19 -1.52 -41.28
C GLU A 454 -51.76 -0.99 -41.23
N GLU A 455 -51.59 0.29 -41.56
CA GLU A 455 -50.25 0.89 -41.48
C GLU A 455 -49.76 0.92 -40.04
N ALA A 456 -50.65 1.15 -39.08
CA ALA A 456 -50.24 1.21 -37.69
C ALA A 456 -49.68 -0.13 -37.21
N MET A 457 -50.33 -1.23 -37.57
CA MET A 457 -49.83 -2.54 -37.15
C MET A 457 -48.58 -2.93 -37.95
N ILE A 458 -48.45 -2.43 -39.17
CA ILE A 458 -47.18 -2.55 -39.87
C ILE A 458 -46.08 -1.83 -39.11
N ASN A 459 -46.38 -0.62 -38.62
CA ASN A 459 -45.46 0.08 -37.74
C ASN A 459 -45.23 -0.71 -36.46
N LYS A 460 -46.29 -1.30 -35.91
CA LYS A 460 -46.15 -2.15 -34.73
C LYS A 460 -45.20 -3.31 -35.00
N LEU A 461 -45.25 -3.86 -36.22
CA LEU A 461 -44.32 -4.91 -36.60
C LEU A 461 -42.88 -4.39 -36.61
N LYS A 462 -42.70 -3.12 -36.95
CA LYS A 462 -41.35 -2.56 -37.03
C LYS A 462 -40.67 -2.57 -35.67
N GLN A 463 -41.39 -2.21 -34.62
CA GLN A 463 -40.83 -2.26 -33.27
C GLN A 463 -40.87 -3.68 -32.74
N MET B 1 -17.01 46.28 9.25
CA MET B 1 -16.89 45.33 8.15
C MET B 1 -15.47 44.77 8.11
N ASP B 2 -14.49 45.67 8.24
CA ASP B 2 -13.10 45.27 8.47
C ASP B 2 -12.56 46.01 9.70
N VAL B 3 -13.36 45.97 10.76
CA VAL B 3 -13.04 46.65 12.00
C VAL B 3 -12.89 45.61 13.10
N PHE B 4 -11.75 45.66 13.81
CA PHE B 4 -11.53 44.87 15.01
C PHE B 4 -10.96 45.81 16.08
N LEU B 5 -11.59 45.83 17.25
CA LEU B 5 -11.34 46.86 18.24
C LEU B 5 -10.94 46.22 19.57
N MET B 6 -10.02 46.89 20.28
CA MET B 6 -9.65 46.51 21.64
C MET B 6 -10.52 47.30 22.61
N ILE B 7 -11.58 46.65 23.09
CA ILE B 7 -12.41 47.26 24.11
C ILE B 7 -11.82 46.91 25.48
N ARG B 8 -11.37 47.93 26.21
CA ARG B 8 -10.59 47.75 27.42
C ARG B 8 -11.32 48.34 28.61
N ARG B 9 -11.36 47.59 29.71
CA ARG B 9 -11.95 48.02 30.98
C ARG B 9 -10.95 47.67 32.07
N HIS B 10 -10.05 48.61 32.37
CA HIS B 10 -8.96 48.41 33.34
C HIS B 10 -8.20 47.15 32.92
N LYS B 11 -8.14 46.12 33.76
CA LYS B 11 -7.43 44.90 33.39
C LYS B 11 -8.10 44.21 32.21
N THR B 12 -9.43 44.18 32.20
CA THR B 12 -10.16 43.42 31.18
C THR B 12 -10.01 44.06 29.81
N THR B 13 -9.86 43.22 28.79
CA THR B 13 -9.77 43.66 27.40
C THR B 13 -10.44 42.62 26.53
N ILE B 14 -11.58 42.97 25.95
CA ILE B 14 -12.29 42.05 25.07
C ILE B 14 -11.98 42.38 23.62
N PHE B 15 -12.16 41.38 22.75
CA PHE B 15 -11.84 41.50 21.33
C PHE B 15 -13.12 41.35 20.52
N THR B 16 -13.44 42.36 19.73
CA THR B 16 -14.67 42.41 18.97
C THR B 16 -14.39 42.51 17.48
N ASP B 17 -15.46 42.64 16.69
CA ASP B 17 -15.36 42.79 15.24
C ASP B 17 -16.57 43.56 14.70
N SER B 22 -21.83 49.60 10.97
CA SER B 22 -20.90 50.29 11.87
C SER B 22 -21.65 51.26 12.77
N THR B 23 -21.97 50.81 13.99
CA THR B 23 -22.71 51.61 14.96
C THR B 23 -22.06 51.47 16.32
N VAL B 24 -21.95 52.57 17.05
CA VAL B 24 -21.43 52.51 18.41
C VAL B 24 -22.41 51.78 19.32
N PHE B 25 -23.71 51.98 19.09
CA PHE B 25 -24.72 51.39 19.96
C PHE B 25 -24.70 49.87 19.88
N GLU B 26 -24.50 49.31 18.69
CA GLU B 26 -24.41 47.86 18.58
C GLU B 26 -23.14 47.35 19.25
N LEU B 27 -22.08 48.16 19.27
CA LEU B 27 -20.91 47.80 20.06
C LEU B 27 -21.26 47.72 21.54
N LYS B 28 -22.04 48.68 22.03
CA LYS B 28 -22.48 48.62 23.43
C LYS B 28 -23.39 47.41 23.67
N ARG B 29 -24.16 47.01 22.66
CA ARG B 29 -24.98 45.80 22.81
C ARG B 29 -24.11 44.55 22.89
N ILE B 30 -23.02 44.52 22.12
CA ILE B 30 -22.05 43.43 22.26
C ILE B 30 -21.42 43.45 23.65
N VAL B 31 -21.14 44.64 24.18
CA VAL B 31 -20.63 44.75 25.53
C VAL B 31 -21.65 44.20 26.53
N GLU B 32 -22.93 44.44 26.27
CA GLU B 32 -23.97 43.75 27.03
C GLU B 32 -23.80 42.24 26.95
N GLY B 33 -23.70 41.72 25.73
CA GLY B 33 -23.66 40.28 25.54
C GLY B 33 -22.47 39.63 26.21
N ILE B 34 -21.38 40.36 26.37
CA ILE B 34 -20.14 39.84 26.96
C ILE B 34 -20.07 40.12 28.46
N LEU B 35 -20.06 41.39 28.85
CA LEU B 35 -19.89 41.77 30.24
C LEU B 35 -21.18 41.75 31.05
N LYS B 36 -22.33 41.62 30.39
CA LYS B 36 -23.63 41.52 31.07
C LYS B 36 -23.91 42.75 31.94
N ARG B 37 -24.02 43.89 31.28
CA ARG B 37 -24.31 45.15 31.96
C ARG B 37 -25.08 46.06 31.02
N PRO B 38 -25.96 46.90 31.54
CA PRO B 38 -26.80 47.76 30.69
C PRO B 38 -25.96 48.68 29.81
N PRO B 39 -26.49 49.07 28.63
CA PRO B 39 -25.66 49.81 27.67
C PRO B 39 -25.45 51.27 28.02
N ASP B 40 -26.48 51.93 28.54
CA ASP B 40 -26.40 53.35 28.85
C ASP B 40 -25.66 53.62 30.15
N GLU B 41 -25.34 52.59 30.92
CA GLU B 41 -24.55 52.71 32.14
C GLU B 41 -23.05 52.72 31.84
N GLN B 42 -22.66 52.53 30.59
CA GLN B 42 -21.26 52.48 30.18
C GLN B 42 -21.02 53.44 29.04
N ARG B 43 -19.88 54.13 29.10
CA ARG B 43 -19.55 55.14 28.07
C ARG B 43 -18.22 54.76 27.41
N LEU B 44 -18.15 54.83 26.09
CA LEU B 44 -16.93 54.54 25.35
C LEU B 44 -16.07 55.80 25.20
N TYR B 45 -14.77 55.58 25.11
CA TYR B 45 -13.82 56.68 24.96
C TYR B 45 -12.73 56.24 23.99
N LYS B 46 -12.59 56.98 22.88
CA LYS B 46 -11.47 56.78 21.98
C LYS B 46 -10.30 57.61 22.47
N ASP B 47 -9.30 56.96 23.07
CA ASP B 47 -8.13 57.63 23.63
C ASP B 47 -8.55 58.72 24.63
N ASP B 48 -9.50 58.36 25.50
CA ASP B 48 -10.08 59.21 26.54
C ASP B 48 -10.92 60.35 25.98
N GLN B 49 -11.26 60.33 24.69
CA GLN B 49 -12.17 61.29 24.09
C GLN B 49 -13.52 60.62 23.90
N LEU B 50 -14.57 61.24 24.43
CA LEU B 50 -15.89 60.64 24.42
C LEU B 50 -16.41 60.50 22.99
N LEU B 51 -17.05 59.38 22.71
CA LEU B 51 -17.72 59.12 21.44
C LEU B 51 -19.22 59.07 21.69
N ASP B 52 -19.96 59.94 21.00
CA ASP B 52 -21.41 59.98 21.17
C ASP B 52 -22.07 58.72 20.66
N ASP B 53 -23.13 58.30 21.34
CA ASP B 53 -23.82 57.07 20.98
C ASP B 53 -24.61 57.25 19.69
N GLY B 54 -24.74 56.17 18.92
CA GLY B 54 -25.51 56.17 17.70
C GLY B 54 -24.75 56.63 16.47
N LYS B 55 -23.53 57.12 16.62
CA LYS B 55 -22.73 57.55 15.49
C LYS B 55 -22.17 56.35 14.74
N THR B 56 -21.77 56.57 13.50
CA THR B 56 -21.13 55.54 12.70
C THR B 56 -19.74 55.27 13.23
N LEU B 57 -19.39 53.98 13.34
CA LEU B 57 -18.10 53.61 13.90
C LEU B 57 -16.96 54.11 13.04
N GLY B 58 -17.16 54.15 11.72
CA GLY B 58 -16.09 54.58 10.83
C GLY B 58 -15.72 56.04 11.01
N GLU B 59 -16.72 56.89 11.29
CA GLU B 59 -16.45 58.32 11.39
C GLU B 59 -15.53 58.64 12.56
N CYS B 60 -15.64 57.88 13.65
CA CYS B 60 -14.82 58.15 14.83
C CYS B 60 -13.33 57.93 14.56
N GLY B 61 -12.98 57.24 13.47
CA GLY B 61 -11.60 57.02 13.11
C GLY B 61 -11.22 55.56 12.94
N PHE B 62 -12.11 54.61 13.21
CA PHE B 62 -11.78 53.21 13.04
C PHE B 62 -12.22 52.73 11.67
N THR B 63 -11.31 52.13 10.92
CA THR B 63 -11.58 51.69 9.56
C THR B 63 -10.64 50.53 9.24
N SER B 64 -10.78 50.02 8.01
CA SER B 64 -9.96 48.89 7.59
C SER B 64 -8.48 49.21 7.63
N GLN B 65 -8.10 50.49 7.56
CA GLN B 65 -6.69 50.85 7.62
C GLN B 65 -6.16 50.80 9.05
N THR B 66 -6.96 51.19 10.02
CA THR B 66 -6.50 51.34 11.41
C THR B 66 -7.18 50.38 12.37
N ALA B 67 -8.03 49.48 11.89
CA ALA B 67 -8.66 48.46 12.71
C ALA B 67 -8.36 47.08 12.16
N ARG B 68 -7.13 46.91 11.68
CA ARG B 68 -6.73 45.65 11.07
C ARG B 68 -6.71 44.54 12.12
N PRO B 69 -6.96 43.25 11.77
CA PRO B 69 -7.04 42.18 12.79
C PRO B 69 -5.74 41.91 13.54
N GLN B 70 -4.58 42.13 12.89
CA GLN B 70 -3.28 41.85 13.54
C GLN B 70 -2.88 43.04 14.41
N ALA B 71 -3.53 44.20 14.23
CA ALA B 71 -3.27 45.34 15.10
C ALA B 71 -4.58 46.09 15.35
N PRO B 72 -5.45 45.54 16.18
CA PRO B 72 -6.73 46.20 16.46
C PRO B 72 -6.53 47.52 17.17
N ALA B 73 -7.47 48.44 16.96
CA ALA B 73 -7.46 49.73 17.63
C ALA B 73 -8.09 49.59 19.02
N THR B 74 -7.79 50.56 19.89
CA THR B 74 -8.19 50.54 21.28
C THR B 74 -9.28 51.56 21.54
N VAL B 75 -10.34 51.16 22.23
CA VAL B 75 -11.40 52.05 22.67
C VAL B 75 -11.52 51.87 24.19
N GLY B 76 -11.42 52.97 24.92
CA GLY B 76 -11.60 52.90 26.36
C GLY B 76 -13.06 52.66 26.73
N LEU B 77 -13.26 51.81 27.73
CA LEU B 77 -14.58 51.49 28.23
C LEU B 77 -14.64 51.77 29.72
N ALA B 78 -15.65 52.53 30.15
CA ALA B 78 -15.78 52.90 31.58
C ALA B 78 -17.24 52.73 32.01
N PHE B 79 -17.46 52.24 33.23
CA PHE B 79 -18.85 52.03 33.72
C PHE B 79 -19.30 53.25 34.51
N THR B 84 -22.08 55.20 34.81
CA THR B 84 -21.76 55.96 33.57
C THR B 84 -20.43 56.69 33.75
N PHE B 85 -20.16 57.21 34.95
CA PHE B 85 -18.92 57.98 35.21
C PHE B 85 -17.70 57.06 35.14
N GLU B 86 -16.57 57.59 34.67
CA GLU B 86 -15.34 56.76 34.51
C GLU B 86 -14.89 56.24 35.88
N ALA B 87 -14.48 54.97 35.96
CA ALA B 87 -14.04 54.38 37.23
C ALA B 87 -12.51 54.47 37.34
N CYS B 89 -10.13 53.86 33.53
CA CYS B 89 -8.77 54.03 33.06
C CYS B 89 -8.20 52.73 32.53
N ILE B 90 -7.41 52.82 31.46
CA ILE B 90 -6.82 51.63 30.85
C ILE B 90 -5.61 51.19 31.66
N GLU B 91 -5.56 49.90 31.96
CA GLU B 91 -4.41 49.32 32.67
C GLU B 91 -3.46 48.71 31.65
N PRO B 92 -2.23 49.19 31.53
CA PRO B 92 -1.34 48.72 30.46
C PRO B 92 -0.86 47.29 30.70
N PHE B 93 -0.36 46.68 29.64
CA PHE B 93 0.14 45.32 29.70
C PHE B 93 1.45 45.25 30.46
N SER B 94 1.98 44.02 30.57
CA SER B 94 3.29 43.81 31.18
C SER B 94 4.39 44.34 30.27
N SER B 95 5.45 44.83 30.90
CA SER B 95 6.58 45.37 30.15
C SER B 95 7.36 44.24 29.49
N PRO B 96 7.76 44.40 28.24
CA PRO B 96 8.57 43.37 27.56
C PRO B 96 9.94 43.26 28.21
N PRO B 97 10.33 42.05 28.65
CA PRO B 97 11.64 41.79 29.27
C PRO B 97 12.79 42.14 28.33
N MET C 3 -19.53 30.33 23.70
CA MET C 3 -19.37 31.35 22.66
C MET C 3 -18.15 32.23 22.91
N TYR C 4 -17.93 32.58 24.18
CA TYR C 4 -16.84 33.47 24.57
C TYR C 4 -16.01 32.81 25.65
N VAL C 5 -14.69 32.83 25.46
CA VAL C 5 -13.75 32.26 26.42
C VAL C 5 -12.89 33.39 26.97
N LYS C 6 -12.70 33.40 28.29
CA LYS C 6 -11.95 34.45 28.98
C LYS C 6 -10.52 33.96 29.18
N LEU C 7 -9.60 34.46 28.35
CA LEU C 7 -8.19 34.20 28.56
C LEU C 7 -7.68 35.08 29.69
N ILE C 8 -7.03 34.47 30.68
CA ILE C 8 -6.47 35.20 31.82
C ILE C 8 -4.98 34.96 31.84
N SER C 9 -4.20 36.04 31.75
CA SER C 9 -2.76 35.94 31.78
C SER C 9 -2.25 35.78 33.21
N SER C 10 -0.99 35.35 33.32
CA SER C 10 -0.36 35.28 34.63
C SER C 10 -0.23 36.66 35.26
N ASP C 11 -0.10 37.69 34.43
CA ASP C 11 -0.03 39.05 34.95
C ASP C 11 -1.32 39.43 35.66
N GLY C 12 -2.47 39.10 35.09
CA GLY C 12 -3.74 39.40 35.72
C GLY C 12 -4.80 39.89 34.77
N HIS C 13 -4.44 40.07 33.50
CA HIS C 13 -5.38 40.58 32.52
C HIS C 13 -6.45 39.53 32.21
N GLU C 14 -7.61 40.00 31.76
CA GLU C 14 -8.73 39.14 31.40
C GLU C 14 -9.09 39.41 29.95
N PHE C 15 -8.50 38.62 29.05
CA PHE C 15 -8.82 38.75 27.63
C PHE C 15 -9.99 37.85 27.27
N ILE C 16 -11.00 38.42 26.63
CA ILE C 16 -12.19 37.70 26.21
C ILE C 16 -12.26 37.73 24.69
N VAL C 17 -12.33 36.55 24.09
CA VAL C 17 -12.40 36.40 22.64
C VAL C 17 -13.43 35.33 22.33
N LYS C 18 -13.93 35.33 21.09
CA LYS C 18 -14.89 34.33 20.66
C LYS C 18 -14.28 32.93 20.78
N ARG C 19 -15.11 31.97 21.16
CA ARG C 19 -14.63 30.62 21.43
C ARG C 19 -13.99 30.01 20.18
N GLU C 20 -14.64 30.19 19.03
CA GLU C 20 -14.12 29.62 17.79
C GLU C 20 -12.76 30.23 17.43
N HIS C 21 -12.51 31.48 17.82
CA HIS C 21 -11.19 32.06 17.61
C HIS C 21 -10.13 31.30 18.39
N ALA C 22 -10.41 30.96 19.64
CA ALA C 22 -9.44 30.33 20.53
C ALA C 22 -9.39 28.82 20.38
N LEU C 23 -10.33 28.22 19.66
CA LEU C 23 -10.33 26.78 19.45
C LEU C 23 -9.46 26.37 18.26
N THR C 24 -8.56 27.25 17.83
CA THR C 24 -7.63 26.94 16.76
C THR C 24 -6.28 26.47 17.28
N SER C 25 -6.13 26.30 18.58
CA SER C 25 -4.92 25.78 19.19
C SER C 25 -5.28 24.54 19.99
N GLY C 26 -4.52 23.45 19.77
CA GLY C 26 -4.85 22.20 20.42
C GLY C 26 -4.82 22.30 21.93
N THR C 27 -3.88 23.08 22.46
CA THR C 27 -3.78 23.23 23.91
C THR C 27 -5.02 23.87 24.50
N ILE C 28 -5.57 24.89 23.85
CA ILE C 28 -6.76 25.54 24.38
C ILE C 28 -7.95 24.59 24.33
N LYS C 29 -8.07 23.82 23.25
CA LYS C 29 -9.12 22.81 23.18
C LYS C 29 -8.98 21.81 24.32
N ALA C 30 -7.75 21.38 24.58
CA ALA C 30 -7.51 20.45 25.67
C ALA C 30 -7.88 21.06 27.02
N MET C 31 -7.51 22.32 27.24
CA MET C 31 -7.75 22.97 28.52
C MET C 31 -9.22 23.28 28.74
N LEU C 32 -9.99 23.44 27.66
CA LEU C 32 -11.42 23.66 27.77
C LEU C 32 -12.22 22.37 27.80
N SER C 33 -11.57 21.23 27.59
CA SER C 33 -12.24 19.94 27.60
C SER C 33 -11.86 19.17 28.86
N GLY C 34 -12.87 18.62 29.52
CA GLY C 34 -12.66 17.88 30.75
C GLY C 34 -12.64 18.80 31.95
N PRO C 35 -12.84 18.24 33.15
CA PRO C 35 -12.86 18.97 34.41
C PRO C 35 -11.57 19.77 34.65
N ASN C 44 -14.48 27.19 29.95
CA ASN C 44 -14.41 28.64 30.05
C ASN C 44 -13.52 29.05 31.22
N GLU C 45 -13.24 30.35 31.32
CA GLU C 45 -12.39 30.92 32.36
C GLU C 45 -11.02 30.24 32.40
N VAL C 46 -10.43 30.02 31.23
CA VAL C 46 -9.09 29.47 31.15
C VAL C 46 -8.10 30.54 31.60
N ASN C 47 -7.27 30.21 32.58
CA ASN C 47 -6.38 31.17 33.22
C ASN C 47 -4.95 30.63 33.20
N PHE C 48 -4.16 31.11 32.24
CA PHE C 48 -2.75 30.78 32.22
C PHE C 48 -2.05 31.38 33.43
N ARG C 49 -1.42 30.52 34.22
CA ARG C 49 -0.62 30.97 35.35
C ARG C 49 0.82 31.25 34.95
N GLU C 50 1.14 31.14 33.67
CA GLU C 50 2.52 31.23 33.18
C GLU C 50 2.72 32.33 32.15
N ILE C 51 1.76 32.51 31.24
CA ILE C 51 1.98 33.42 30.11
C ILE C 51 1.81 34.87 30.58
N PRO C 52 2.72 35.76 30.25
CA PRO C 52 2.58 37.17 30.63
C PRO C 52 1.58 37.89 29.73
N SER C 53 1.34 39.17 30.04
CA SER C 53 0.24 39.90 29.43
C SER C 53 0.47 40.14 27.93
N HIS C 54 1.65 40.65 27.57
CA HIS C 54 1.90 41.03 26.19
C HIS C 54 1.87 39.83 25.26
N VAL C 55 2.42 38.70 25.71
CA VAL C 55 2.41 37.49 24.90
C VAL C 55 0.98 37.03 24.66
N LEU C 56 0.15 37.06 25.70
CA LEU C 56 -1.24 36.64 25.53
C LEU C 56 -1.98 37.59 24.60
N SER C 57 -1.66 38.88 24.67
CA SER C 57 -2.28 39.84 23.74
C SER C 57 -1.89 39.53 22.30
N LYS C 58 -0.61 39.24 22.07
CA LYS C 58 -0.16 38.89 20.72
C LYS C 58 -0.83 37.62 20.22
N VAL C 59 -0.92 36.60 21.06
CA VAL C 59 -1.56 35.37 20.60
C VAL C 59 -3.05 35.59 20.41
N CYS C 60 -3.65 36.51 21.16
CA CYS C 60 -5.06 36.80 20.98
C CYS C 60 -5.34 37.47 19.65
N MET C 61 -4.50 38.47 19.31
CA MET C 61 -4.63 39.16 18.00
C MET C 61 -4.43 38.13 16.87
N TYR C 62 -3.63 37.11 17.12
CA TYR C 62 -3.39 36.05 16.10
C TYR C 62 -4.70 35.32 15.81
N PHE C 63 -5.51 35.05 16.83
CA PHE C 63 -6.76 34.27 16.62
C PHE C 63 -7.70 35.01 15.69
N THR C 64 -7.87 36.33 15.87
CA THR C 64 -8.70 37.13 14.92
C THR C 64 -8.04 37.13 13.54
N TYR C 65 -6.71 37.21 13.51
CA TYR C 65 -5.96 37.20 12.22
C TYR C 65 -6.20 35.88 11.47
N LYS C 66 -6.28 34.76 12.20
CA LYS C 66 -6.53 33.44 11.56
C LYS C 66 -7.90 33.41 10.87
N VAL C 67 -8.93 33.96 11.52
CA VAL C 67 -10.31 33.89 10.95
C VAL C 67 -10.46 34.72 9.68
N ARG C 68 -9.88 35.92 9.63
CA ARG C 68 -10.13 36.82 8.45
C ARG C 68 -8.81 37.14 7.74
N TYR C 69 -8.86 37.38 6.42
CA TYR C 69 -7.64 37.68 5.60
C TYR C 69 -6.86 36.39 5.35
N THR C 70 -7.49 35.24 5.61
CA THR C 70 -6.84 33.93 5.32
C THR C 70 -7.49 33.32 4.08
N ASN C 71 -6.95 32.19 3.58
CA ASN C 71 -7.44 31.64 2.31
C ASN C 71 -7.71 32.76 1.30
N SER C 72 -6.96 33.85 1.42
CA SER C 72 -7.09 35.01 0.55
C SER C 72 -6.04 34.90 -0.54
N SER C 73 -6.49 34.70 -1.78
CA SER C 73 -5.56 34.53 -2.89
C SER C 73 -4.80 35.81 -3.19
N THR C 74 -5.43 36.97 -2.96
CA THR C 74 -4.81 38.23 -3.32
C THR C 74 -3.53 38.46 -2.52
N GLU C 75 -3.62 38.39 -1.19
CA GLU C 75 -2.48 38.63 -0.32
C GLU C 75 -2.89 38.29 1.11
N ILE C 76 -1.94 37.76 1.89
CA ILE C 76 -2.20 37.48 3.33
C ILE C 76 -1.19 38.30 4.13
N PRO C 77 -1.62 39.30 4.94
CA PRO C 77 -0.67 40.18 5.62
C PRO C 77 0.23 39.43 6.61
N GLU C 78 1.53 39.75 6.63
CA GLU C 78 2.47 39.11 7.59
C GLU C 78 2.12 39.60 9.00
N PHE C 79 2.21 38.72 10.00
CA PHE C 79 1.92 39.12 11.40
C PHE C 79 3.09 39.97 11.93
N PRO C 80 2.90 41.20 12.48
CA PRO C 80 4.05 41.96 13.00
C PRO C 80 4.45 41.50 14.39
N ILE C 81 5.62 40.88 14.50
CA ILE C 81 6.14 40.40 15.78
C ILE C 81 7.33 41.28 16.12
N ALA C 82 7.25 41.97 17.25
CA ALA C 82 8.33 42.82 17.70
C ALA C 82 9.54 41.96 18.09
N PRO C 83 10.76 42.46 17.84
CA PRO C 83 11.94 41.65 18.13
C PRO C 83 12.06 41.24 19.59
N GLU C 84 11.69 42.14 20.52
CA GLU C 84 11.90 41.86 21.94
C GLU C 84 10.98 40.74 22.43
N ILE C 85 9.77 40.63 21.86
CA ILE C 85 8.82 39.62 22.29
C ILE C 85 8.90 38.34 21.47
N ALA C 86 9.78 38.29 20.47
CA ALA C 86 9.79 37.17 19.53
C ALA C 86 10.11 35.86 20.22
N LEU C 87 11.11 35.86 21.11
CA LEU C 87 11.56 34.61 21.72
C LEU C 87 10.46 33.96 22.53
N GLU C 88 9.87 34.70 23.47
CA GLU C 88 8.83 34.10 24.31
C GLU C 88 7.52 33.95 23.58
N LEU C 89 7.32 34.67 22.47
CA LEU C 89 6.16 34.39 21.63
C LEU C 89 6.31 33.03 20.95
N LEU C 90 7.50 32.77 20.39
CA LEU C 90 7.78 31.46 19.83
C LEU C 90 7.67 30.37 20.89
N MET C 91 8.11 30.66 22.11
CA MET C 91 7.99 29.69 23.19
C MET C 91 6.53 29.43 23.55
N ALA C 92 5.71 30.48 23.56
CA ALA C 92 4.28 30.30 23.82
C ALA C 92 3.61 29.53 22.70
N ALA C 93 4.17 29.60 21.49
CA ALA C 93 3.64 28.80 20.39
C ALA C 93 3.65 27.32 20.75
N ASN C 94 4.74 26.84 21.36
CA ASN C 94 4.79 25.44 21.79
C ASN C 94 3.76 25.15 22.86
N PHE C 95 3.65 26.03 23.86
CA PHE C 95 2.73 25.79 24.97
C PHE C 95 1.29 25.71 24.46
N LEU C 96 0.92 26.60 23.56
CA LEU C 96 -0.42 26.62 22.97
C LEU C 96 -0.56 25.63 21.83
N ASP C 97 0.54 25.04 21.36
CA ASP C 97 0.51 24.05 20.29
C ASP C 97 -0.21 24.59 19.06
N CYS C 98 0.08 25.84 18.71
CA CYS C 98 -0.53 26.48 17.55
C CYS C 98 -0.04 25.85 16.25
N ASN D 124 55.07 -2.46 -11.66
CA ASN D 124 56.13 -3.47 -11.66
C ASN D 124 56.41 -3.97 -13.07
N SER D 125 55.77 -3.34 -14.05
CA SER D 125 55.95 -3.73 -15.44
C SER D 125 57.36 -3.42 -15.91
N THR D 126 57.89 -4.29 -16.75
CA THR D 126 59.21 -4.16 -17.35
C THR D 126 59.09 -3.95 -18.86
N PRO D 127 60.05 -3.26 -19.48
CA PRO D 127 60.01 -3.09 -20.94
C PRO D 127 60.07 -4.41 -21.69
N LEU D 128 60.71 -5.42 -21.11
CA LEU D 128 60.72 -6.74 -21.73
C LEU D 128 59.31 -7.32 -21.81
N ARG D 129 58.52 -7.13 -20.74
CA ARG D 129 57.15 -7.60 -20.74
C ARG D 129 56.31 -6.89 -21.80
N ALA D 130 56.52 -5.58 -21.94
CA ALA D 130 55.83 -4.83 -22.99
C ALA D 130 56.22 -5.32 -24.38
N ALA D 131 57.51 -5.59 -24.58
CA ALA D 131 57.96 -6.11 -25.86
C ALA D 131 57.35 -7.47 -26.16
N CYS D 132 57.29 -8.35 -25.15
CA CYS D 132 56.64 -9.64 -25.32
C CYS D 132 55.15 -9.51 -25.59
N PHE D 133 54.48 -8.53 -25.00
CA PHE D 133 53.09 -8.24 -25.29
C PHE D 133 52.90 -7.76 -26.73
N ASP D 134 53.82 -6.92 -27.23
CA ASP D 134 53.71 -6.42 -28.59
C ASP D 134 53.90 -7.54 -29.61
N GLY D 135 54.83 -8.46 -29.34
CA GLY D 135 55.10 -9.53 -30.28
C GLY D 135 56.29 -9.32 -31.19
N ARG D 136 57.11 -8.31 -30.92
CA ARG D 136 58.29 -8.03 -31.73
C ARG D 136 59.42 -8.96 -31.33
N LEU D 137 59.73 -9.93 -32.19
CA LEU D 137 60.81 -10.87 -31.91
C LEU D 137 62.17 -10.17 -31.83
N ASP D 138 62.42 -9.23 -32.74
CA ASP D 138 63.73 -8.57 -32.78
C ASP D 138 64.00 -7.78 -31.51
N ILE D 139 62.99 -7.06 -31.01
CA ILE D 139 63.15 -6.32 -29.76
C ILE D 139 63.41 -7.28 -28.61
N VAL D 140 62.69 -8.40 -28.58
CA VAL D 140 62.86 -9.36 -27.49
C VAL D 140 64.28 -9.91 -27.48
N LYS D 141 64.77 -10.35 -28.64
CA LYS D 141 66.12 -10.90 -28.70
C LYS D 141 67.17 -9.84 -28.38
N TYR D 142 66.99 -8.63 -28.90
CA TYR D 142 67.94 -7.55 -28.64
C TYR D 142 68.01 -7.25 -27.14
N LEU D 143 66.87 -7.15 -26.48
CA LEU D 143 66.86 -6.89 -25.05
C LEU D 143 67.46 -8.05 -24.27
N VAL D 144 67.15 -9.29 -24.67
CA VAL D 144 67.64 -10.46 -23.96
C VAL D 144 69.17 -10.52 -24.04
N GLU D 145 69.73 -10.30 -25.22
CA GLU D 145 71.18 -10.31 -25.37
C GLU D 145 71.85 -9.14 -24.64
N ASN D 146 71.06 -8.17 -24.19
CA ASN D 146 71.58 -7.00 -23.48
C ASN D 146 71.15 -7.02 -22.01
N ASN D 147 71.21 -8.20 -21.38
CA ASN D 147 70.94 -8.37 -19.95
C ASN D 147 69.51 -8.00 -19.58
N ALA D 148 68.54 -8.66 -20.22
CA ALA D 148 67.14 -8.53 -19.85
C ALA D 148 66.84 -9.50 -18.70
N ASN D 149 66.07 -9.03 -17.72
CA ASN D 149 65.68 -9.85 -16.58
C ASN D 149 64.33 -10.51 -16.83
N ILE D 150 64.30 -11.84 -16.78
CA ILE D 150 63.06 -12.57 -17.06
C ILE D 150 62.40 -13.06 -15.77
N SER D 151 63.19 -13.54 -14.81
CA SER D 151 62.63 -14.09 -13.57
C SER D 151 61.85 -13.06 -12.78
N ILE D 152 62.08 -11.76 -13.00
CA ILE D 152 61.31 -10.73 -12.32
C ILE D 152 59.98 -10.56 -13.04
N ALA D 153 58.89 -10.60 -12.28
CA ALA D 153 57.55 -10.50 -12.83
C ALA D 153 56.87 -9.21 -12.37
N ASN D 154 55.60 -9.06 -12.71
CA ASN D 154 54.84 -7.86 -12.44
C ASN D 154 54.20 -7.94 -11.05
N LYS D 155 53.27 -7.02 -10.76
CA LYS D 155 52.62 -6.98 -9.45
C LYS D 155 51.84 -8.26 -9.17
N TYR D 156 51.22 -8.85 -10.19
CA TYR D 156 50.52 -10.12 -10.05
C TYR D 156 51.42 -11.32 -10.32
N ASP D 157 52.73 -11.09 -10.35
CA ASP D 157 53.72 -12.14 -10.60
C ASP D 157 53.46 -12.83 -11.95
N ASN D 158 53.56 -12.08 -13.03
CA ASN D 158 53.33 -12.63 -14.36
C ASN D 158 54.60 -12.54 -15.18
N THR D 159 55.04 -13.68 -15.70
CA THR D 159 56.29 -13.75 -16.44
C THR D 159 56.08 -13.42 -17.91
N CYS D 160 57.18 -13.05 -18.57
CA CYS D 160 57.13 -12.73 -20.00
C CYS D 160 56.75 -13.96 -20.83
N LEU D 161 57.32 -15.13 -20.48
CA LEU D 161 56.91 -16.36 -21.14
C LEU D 161 55.41 -16.58 -21.05
N MET D 162 54.84 -16.32 -19.87
CA MET D 162 53.43 -16.67 -19.65
C MET D 162 52.51 -15.69 -20.37
N ILE D 163 52.86 -14.40 -20.37
CA ILE D 163 52.05 -13.45 -21.12
C ILE D 163 52.17 -13.69 -22.62
N ALA D 164 53.36 -14.06 -23.10
CA ALA D 164 53.51 -14.39 -24.51
C ALA D 164 52.69 -15.63 -24.87
N ALA D 165 52.68 -16.63 -23.97
CA ALA D 165 51.86 -17.81 -24.18
C ALA D 165 50.38 -17.46 -24.22
N TYR D 166 49.93 -16.55 -23.36
CA TYR D 166 48.56 -16.09 -23.45
C TYR D 166 48.31 -15.32 -24.74
N LYS D 167 49.34 -14.70 -25.31
CA LYS D 167 49.22 -13.96 -26.56
C LYS D 167 49.55 -14.78 -27.79
N GLY D 168 50.07 -16.00 -27.60
CA GLY D 168 50.33 -16.90 -28.74
C GLY D 168 51.47 -16.45 -29.63
N HIS D 169 52.50 -15.84 -29.06
CA HIS D 169 53.69 -15.52 -29.91
C HIS D 169 54.60 -16.74 -29.86
N THR D 170 54.52 -17.60 -30.88
CA THR D 170 55.30 -18.87 -30.85
C THR D 170 56.80 -18.56 -30.84
N ASP D 171 57.22 -17.60 -31.68
CA ASP D 171 58.67 -17.28 -31.77
C ASP D 171 59.15 -16.74 -30.42
N VAL D 172 58.39 -15.83 -29.81
CA VAL D 172 58.85 -15.21 -28.53
C VAL D 172 58.93 -16.32 -27.47
N VAL D 173 57.93 -17.20 -27.42
CA VAL D 173 57.90 -18.27 -26.39
C VAL D 173 59.08 -19.23 -26.59
N ARG D 174 59.36 -19.63 -27.84
CA ARG D 174 60.42 -20.66 -28.06
C ARG D 174 61.82 -20.07 -27.79
N TYR D 175 61.99 -18.76 -27.97
CA TYR D 175 63.29 -18.15 -27.66
C TYR D 175 63.48 -17.99 -26.16
N LEU D 176 62.44 -17.55 -25.44
CA LEU D 176 62.57 -17.42 -23.99
C LEU D 176 62.79 -18.77 -23.34
N LEU D 177 62.13 -19.82 -23.84
CA LEU D 177 62.40 -21.17 -23.34
C LEU D 177 63.85 -21.56 -23.61
N GLU D 178 64.37 -21.22 -24.79
CA GLU D 178 65.77 -21.47 -25.09
C GLU D 178 66.69 -20.69 -24.16
N GLN D 179 66.23 -19.56 -23.63
CA GLN D 179 67.05 -18.69 -22.78
C GLN D 179 66.99 -19.12 -21.31
N ARG D 180 66.66 -20.38 -21.04
N ARG D 180 66.65 -20.37 -21.05
CA ARG D 180 66.66 -20.94 -19.69
CA ARG D 180 66.66 -20.94 -19.69
C ARG D 180 65.65 -20.25 -18.78
C ARG D 180 65.65 -20.26 -18.78
N ALA D 181 64.67 -19.57 -19.36
CA ALA D 181 63.61 -18.94 -18.58
C ALA D 181 62.68 -20.02 -18.05
N ASP D 182 62.25 -19.86 -16.80
CA ASP D 182 61.45 -20.89 -16.13
C ASP D 182 60.12 -21.11 -16.83
N PRO D 183 59.85 -22.31 -17.33
CA PRO D 183 58.53 -22.60 -17.91
C PRO D 183 57.50 -23.00 -16.88
N ASN D 184 57.92 -23.55 -15.74
CA ASN D 184 57.01 -23.98 -14.69
C ASN D 184 56.69 -22.87 -13.69
N ALA D 185 56.74 -21.61 -14.14
CA ALA D 185 56.48 -20.50 -13.24
C ALA D 185 55.06 -20.56 -12.69
N LYS D 186 54.92 -20.18 -11.43
CA LYS D 186 53.63 -20.16 -10.75
C LYS D 186 53.21 -18.73 -10.49
N ALA D 187 52.03 -18.37 -11.01
CA ALA D 187 51.53 -17.00 -10.90
C ALA D 187 50.98 -16.78 -9.49
N HIS D 188 50.38 -15.60 -9.28
CA HIS D 188 49.80 -15.30 -7.97
C HIS D 188 48.62 -16.21 -7.65
N CYS D 189 47.96 -16.74 -8.67
CA CYS D 189 46.83 -17.63 -8.49
C CYS D 189 47.18 -19.09 -8.75
N GLY D 190 48.45 -19.40 -8.99
CA GLY D 190 48.88 -20.76 -9.26
C GLY D 190 48.81 -21.17 -10.71
N ALA D 191 48.24 -20.34 -11.59
CA ALA D 191 48.19 -20.68 -13.00
C ALA D 191 49.55 -20.49 -13.65
N THR D 192 49.78 -21.23 -14.72
CA THR D 192 51.06 -21.24 -15.43
C THR D 192 50.88 -20.74 -16.86
N ALA D 193 52.00 -20.73 -17.60
CA ALA D 193 51.95 -20.38 -19.02
C ALA D 193 51.11 -21.38 -19.79
N LEU D 194 51.22 -22.66 -19.46
CA LEU D 194 50.41 -23.68 -20.11
C LEU D 194 48.93 -23.40 -19.92
N HIS D 195 48.55 -22.92 -18.73
CA HIS D 195 47.16 -22.61 -18.45
C HIS D 195 46.63 -21.55 -19.42
N PHE D 196 47.38 -20.46 -19.60
CA PHE D 196 46.89 -19.36 -20.42
C PHE D 196 46.95 -19.72 -21.90
N ALA D 197 47.96 -20.49 -22.30
CA ALA D 197 48.01 -20.96 -23.68
C ALA D 197 46.84 -21.87 -24.01
N ALA D 198 46.47 -22.75 -23.07
CA ALA D 198 45.29 -23.59 -23.27
C ALA D 198 44.02 -22.76 -23.30
N GLU D 199 43.93 -21.75 -22.43
CA GLU D 199 42.76 -20.88 -22.41
C GLU D 199 42.59 -20.13 -23.73
N ALA D 200 43.70 -19.64 -24.29
CA ALA D 200 43.64 -18.87 -25.52
C ALA D 200 43.73 -19.73 -26.78
N GLY D 201 43.78 -21.04 -26.64
CA GLY D 201 43.76 -21.93 -27.80
C GLY D 201 44.98 -21.84 -28.68
N HIS D 202 46.18 -21.80 -28.09
CA HIS D 202 47.42 -21.75 -28.85
C HIS D 202 48.07 -23.12 -28.80
N ILE D 203 47.71 -23.97 -29.77
CA ILE D 203 48.18 -25.36 -29.77
C ILE D 203 49.70 -25.41 -29.91
N ASP D 204 50.24 -24.51 -30.74
CA ASP D 204 51.71 -24.49 -30.99
C ASP D 204 52.44 -24.16 -29.68
N ILE D 205 51.85 -23.31 -28.84
CA ILE D 205 52.51 -22.92 -27.56
C ILE D 205 52.47 -24.12 -26.61
N VAL D 206 51.28 -24.72 -26.40
CA VAL D 206 51.20 -25.83 -25.47
C VAL D 206 52.07 -26.99 -25.94
N LYS D 207 52.17 -27.20 -27.25
CA LYS D 207 53.04 -28.25 -27.76
C LYS D 207 54.50 -27.95 -27.43
N GLU D 208 54.92 -26.69 -27.59
CA GLU D 208 56.28 -26.31 -27.24
C GLU D 208 56.54 -26.46 -25.75
N LEU D 209 55.58 -26.07 -24.92
CA LEU D 209 55.76 -26.18 -23.47
C LEU D 209 55.85 -27.64 -23.04
N ILE D 210 55.02 -28.51 -23.62
CA ILE D 210 55.11 -29.93 -23.34
C ILE D 210 56.47 -30.47 -23.80
N LYS D 211 56.95 -30.01 -24.96
CA LYS D 211 58.29 -30.35 -25.38
C LYS D 211 59.32 -29.95 -24.33
N TRP D 212 59.16 -28.76 -23.76
CA TRP D 212 60.04 -28.28 -22.69
C TRP D 212 59.62 -28.79 -21.33
N ARG D 213 58.80 -29.84 -21.28
CA ARG D 213 58.46 -30.54 -20.03
C ARG D 213 57.72 -29.63 -19.05
N ALA D 214 56.65 -29.01 -19.53
CA ALA D 214 55.81 -28.22 -18.65
C ALA D 214 54.98 -29.14 -17.77
N ALA D 215 55.22 -29.07 -16.46
CA ALA D 215 54.57 -29.95 -15.52
C ALA D 215 53.10 -29.59 -15.38
N ILE D 216 52.28 -30.60 -15.07
CA ILE D 216 50.85 -30.40 -14.85
C ILE D 216 50.66 -29.80 -13.46
N VAL D 217 50.15 -28.57 -13.41
CA VAL D 217 50.02 -27.83 -12.17
C VAL D 217 48.55 -27.44 -11.98
N VAL D 218 48.04 -27.67 -10.77
CA VAL D 218 46.69 -27.27 -10.42
C VAL D 218 46.78 -25.88 -9.78
N ASN D 219 46.09 -24.91 -10.36
CA ASN D 219 46.15 -23.53 -9.88
C ASN D 219 45.34 -23.37 -8.60
N GLY D 220 45.37 -22.16 -8.05
CA GLY D 220 44.57 -21.85 -6.87
C GLY D 220 43.08 -21.91 -7.14
N HIS D 221 42.67 -21.92 -8.41
CA HIS D 221 41.29 -22.13 -8.79
C HIS D 221 40.93 -23.61 -8.86
N GLY D 222 41.86 -24.49 -8.51
CA GLY D 222 41.61 -25.92 -8.54
C GLY D 222 41.39 -26.47 -9.92
N MET D 223 42.17 -26.02 -10.90
CA MET D 223 41.98 -26.43 -12.28
C MET D 223 43.33 -26.63 -12.97
N THR D 224 43.38 -27.63 -13.85
CA THR D 224 44.55 -28.02 -14.62
C THR D 224 44.48 -27.44 -16.03
N PRO D 225 45.63 -27.31 -16.70
CA PRO D 225 45.59 -26.81 -18.09
C PRO D 225 44.72 -27.64 -19.00
N LEU D 226 44.66 -28.96 -18.80
CA LEU D 226 43.70 -29.79 -19.51
C LEU D 226 42.27 -29.31 -19.23
N LYS D 227 41.95 -29.13 -17.96
CA LYS D 227 40.62 -28.65 -17.58
C LYS D 227 40.41 -27.21 -18.04
N VAL D 228 41.47 -26.40 -18.05
CA VAL D 228 41.37 -25.04 -18.57
C VAL D 228 40.95 -25.06 -20.04
N ALA D 229 41.63 -25.85 -20.85
CA ALA D 229 41.27 -25.95 -22.25
C ALA D 229 39.87 -26.55 -22.41
N ALA D 230 39.49 -27.44 -21.49
CA ALA D 230 38.13 -27.98 -21.53
C ALA D 230 37.09 -26.89 -21.33
N GLU D 231 37.33 -25.97 -20.40
CA GLU D 231 36.35 -24.93 -20.12
C GLU D 231 36.32 -23.88 -21.24
N SER D 232 37.45 -23.69 -21.93
CA SER D 232 37.56 -22.64 -22.95
C SER D 232 37.13 -23.11 -24.33
N CYS D 233 36.59 -24.32 -24.44
CA CYS D 233 36.14 -24.89 -25.71
C CYS D 233 37.25 -24.99 -26.74
N LYS D 234 38.49 -25.12 -26.28
CA LYS D 234 39.63 -25.36 -27.18
C LYS D 234 39.78 -26.88 -27.32
N ALA D 235 38.95 -27.43 -28.21
CA ALA D 235 38.85 -28.89 -28.31
C ALA D 235 40.15 -29.53 -28.74
N ASP D 236 40.88 -28.90 -29.67
CA ASP D 236 42.13 -29.49 -30.14
C ASP D 236 43.23 -29.38 -29.07
N VAL D 237 43.21 -28.31 -28.28
CA VAL D 237 44.13 -28.22 -27.16
C VAL D 237 43.84 -29.33 -26.15
N VAL D 238 42.54 -29.59 -25.91
CA VAL D 238 42.16 -30.72 -25.07
C VAL D 238 42.68 -32.02 -25.66
N GLU D 239 42.58 -32.18 -26.99
CA GLU D 239 43.08 -33.38 -27.64
C GLU D 239 44.57 -33.55 -27.39
N LEU D 240 45.34 -32.47 -27.56
CA LEU D 240 46.78 -32.57 -27.34
C LEU D 240 47.11 -32.88 -25.88
N LEU D 241 46.40 -32.26 -24.95
CA LEU D 241 46.69 -32.48 -23.53
C LEU D 241 46.26 -33.88 -23.09
N LEU D 242 45.26 -34.46 -23.75
CA LEU D 242 44.94 -35.87 -23.52
C LEU D 242 46.01 -36.77 -24.12
N SER D 243 46.55 -36.37 -25.28
CA SER D 243 47.68 -37.10 -25.86
C SER D 243 48.90 -37.02 -24.95
N HIS D 244 48.98 -36.00 -24.10
CA HIS D 244 50.05 -35.91 -23.12
C HIS D 244 50.03 -37.12 -22.20
N ALA D 245 51.23 -37.60 -21.84
CA ALA D 245 51.33 -38.85 -21.09
C ALA D 245 50.76 -38.71 -19.68
N ASP D 246 51.11 -37.64 -18.98
CA ASP D 246 50.73 -37.49 -17.57
C ASP D 246 49.28 -37.02 -17.47
N CYS D 247 48.37 -37.92 -17.82
CA CYS D 247 46.96 -37.70 -17.65
C CYS D 247 46.32 -38.98 -17.14
N ASP D 248 45.34 -38.83 -16.24
CA ASP D 248 44.64 -39.96 -15.67
C ASP D 248 43.26 -40.11 -16.30
N ARG D 249 42.66 -41.28 -16.10
CA ARG D 249 41.36 -41.56 -16.70
C ARG D 249 40.30 -40.60 -16.16
N ARG D 250 40.31 -40.34 -14.85
CA ARG D 250 39.33 -39.43 -14.26
C ARG D 250 39.50 -38.02 -14.82
N SER D 251 40.75 -37.57 -14.97
CA SER D 251 40.99 -36.25 -15.55
C SER D 251 40.54 -36.20 -17.00
N ARG D 252 40.79 -37.26 -17.76
CA ARG D 252 40.34 -37.33 -19.15
C ARG D 252 38.82 -37.24 -19.24
N ILE D 253 38.12 -38.00 -18.40
CA ILE D 253 36.67 -38.00 -18.40
C ILE D 253 36.14 -36.62 -18.03
N GLU D 254 36.68 -36.03 -16.97
CA GLU D 254 36.20 -34.72 -16.53
C GLU D 254 36.49 -33.65 -17.58
N ALA D 255 37.65 -33.73 -18.23
CA ALA D 255 37.96 -32.78 -19.29
C ALA D 255 36.99 -32.89 -20.45
N LEU D 256 36.70 -34.11 -20.90
CA LEU D 256 35.75 -34.27 -22.00
C LEU D 256 34.36 -33.79 -21.62
N GLU D 257 33.92 -34.12 -20.39
CA GLU D 257 32.61 -33.68 -19.93
C GLU D 257 32.53 -32.16 -19.86
N LEU D 258 33.57 -31.51 -19.33
CA LEU D 258 33.57 -30.07 -19.23
C LEU D 258 33.62 -29.43 -20.61
N LEU D 259 34.36 -30.03 -21.54
CA LEU D 259 34.40 -29.52 -22.90
C LEU D 259 33.01 -29.56 -23.53
N GLY D 260 32.33 -30.70 -23.41
CA GLY D 260 30.99 -30.80 -23.93
C GLY D 260 30.03 -29.83 -23.28
N ALA D 261 30.10 -29.69 -21.95
CA ALA D 261 29.20 -28.80 -21.24
C ALA D 261 29.43 -27.34 -21.65
N SER D 262 30.70 -26.93 -21.75
CA SER D 262 31.00 -25.56 -22.16
C SER D 262 30.55 -25.32 -23.61
N PHE D 263 30.74 -26.30 -24.48
CA PHE D 263 30.26 -26.16 -25.85
C PHE D 263 28.74 -26.06 -25.90
N ALA D 264 28.06 -26.72 -24.96
CA ALA D 264 26.60 -26.65 -24.91
C ALA D 264 26.10 -25.23 -24.64
N ASN D 265 26.77 -24.51 -23.75
CA ASN D 265 26.32 -23.20 -23.32
C ASN D 265 27.27 -22.08 -23.74
N ASP D 266 28.16 -22.33 -24.70
CA ASP D 266 29.06 -21.29 -25.16
C ASP D 266 28.30 -20.18 -25.86
N ARG D 267 28.74 -18.94 -25.64
CA ARG D 267 28.07 -17.79 -26.25
C ARG D 267 28.25 -17.77 -27.76
N GLU D 268 29.50 -17.93 -28.22
CA GLU D 268 29.82 -17.81 -29.64
C GLU D 268 30.41 -19.07 -30.26
N ASN D 269 31.13 -19.89 -29.50
CA ASN D 269 31.68 -21.14 -30.00
C ASN D 269 30.69 -22.29 -29.87
N TYR D 270 29.40 -22.00 -29.83
CA TYR D 270 28.39 -23.03 -29.62
C TYR D 270 28.35 -24.01 -30.79
N ASP D 271 28.20 -25.29 -30.46
CA ASP D 271 28.01 -26.35 -31.44
C ASP D 271 27.31 -27.51 -30.77
N ILE D 272 26.09 -27.82 -31.23
CA ILE D 272 25.33 -28.92 -30.64
C ILE D 272 25.98 -30.26 -30.98
N ILE D 273 26.51 -30.38 -32.21
CA ILE D 273 27.08 -31.66 -32.64
C ILE D 273 28.35 -31.96 -31.87
N LYS D 274 29.24 -30.97 -31.75
CA LYS D 274 30.45 -31.15 -30.96
C LYS D 274 30.11 -31.44 -29.50
N THR D 275 29.12 -30.73 -28.96
CA THR D 275 28.69 -30.97 -27.59
C THR D 275 28.30 -32.43 -27.38
N TYR D 276 27.40 -32.93 -28.23
CA TYR D 276 26.94 -34.31 -28.07
C TYR D 276 28.09 -35.29 -28.29
N HIS D 277 28.95 -35.04 -29.28
CA HIS D 277 30.04 -35.95 -29.55
C HIS D 277 30.98 -36.07 -28.36
N TYR D 278 31.41 -34.92 -27.81
CA TYR D 278 32.36 -34.96 -26.70
C TYR D 278 31.72 -35.53 -25.45
N LEU D 279 30.46 -35.18 -25.16
CA LEU D 279 29.81 -35.74 -23.99
C LEU D 279 29.63 -37.24 -24.14
N TYR D 280 29.28 -37.71 -25.34
CA TYR D 280 29.11 -39.14 -25.56
C TYR D 280 30.44 -39.87 -25.43
N LEU D 281 31.52 -39.30 -25.95
CA LEU D 281 32.84 -39.93 -25.79
C LEU D 281 33.23 -40.00 -24.32
N ALA D 282 32.98 -38.93 -23.56
CA ALA D 282 33.26 -38.94 -22.14
C ALA D 282 32.45 -40.02 -21.43
N MET D 283 31.18 -40.16 -21.77
CA MET D 283 30.32 -41.10 -21.08
C MET D 283 30.68 -42.54 -21.45
N LEU D 284 31.10 -42.76 -22.70
CA LEU D 284 31.63 -44.06 -23.08
C LEU D 284 32.90 -44.38 -22.31
N GLU D 285 33.79 -43.39 -22.16
CA GLU D 285 34.97 -43.61 -21.32
C GLU D 285 34.59 -43.92 -19.88
N ARG D 286 33.50 -43.33 -19.40
CA ARG D 286 32.95 -43.71 -18.10
C ARG D 286 32.55 -45.18 -18.09
N PHE D 287 31.92 -45.64 -19.18
CA PHE D 287 31.47 -47.02 -19.30
C PHE D 287 32.46 -47.89 -20.08
N GLN D 288 33.68 -47.41 -20.31
CA GLN D 288 34.62 -48.17 -21.14
C GLN D 288 35.09 -49.45 -20.46
N ASP D 289 35.13 -49.48 -19.14
CA ASP D 289 35.63 -50.62 -18.39
C ASP D 289 34.46 -51.39 -17.79
N GLY D 290 34.38 -52.67 -18.10
CA GLY D 290 33.30 -53.49 -17.56
C GLY D 290 33.41 -53.71 -16.06
N ASP D 291 34.64 -53.93 -15.57
CA ASP D 291 34.82 -54.21 -14.15
C ASP D 291 34.41 -53.02 -13.28
N ASN D 292 34.83 -51.81 -13.67
CA ASN D 292 34.50 -50.60 -12.93
C ASN D 292 33.97 -49.55 -13.89
N ILE D 293 32.80 -49.01 -13.59
CA ILE D 293 32.18 -47.97 -14.40
C ILE D 293 32.06 -46.71 -13.55
N LEU D 294 32.60 -45.61 -14.03
CA LEU D 294 32.51 -44.34 -13.32
C LEU D 294 31.14 -43.72 -13.53
N GLU D 295 30.44 -43.46 -12.44
CA GLU D 295 29.10 -42.89 -12.48
C GLU D 295 29.17 -41.43 -12.05
N LYS D 296 28.52 -40.57 -12.82
CA LYS D 296 28.59 -39.14 -12.58
C LYS D 296 27.96 -38.78 -11.23
N GLU D 297 28.65 -37.95 -10.46
CA GLU D 297 28.14 -37.46 -9.18
C GLU D 297 27.24 -36.26 -9.43
N VAL D 298 26.07 -36.57 -10.02
CA VAL D 298 25.20 -35.51 -10.51
C VAL D 298 24.59 -34.73 -9.35
N LEU D 299 24.45 -33.43 -9.55
CA LEU D 299 23.83 -32.56 -8.56
C LEU D 299 22.32 -32.72 -8.59
N PRO D 300 21.64 -32.38 -7.48
CA PRO D 300 20.19 -32.44 -7.48
C PRO D 300 19.61 -31.48 -8.50
N PRO D 301 18.48 -31.83 -9.10
CA PRO D 301 17.87 -30.95 -10.10
C PRO D 301 17.48 -29.60 -9.50
N ILE D 302 17.60 -28.56 -10.30
CA ILE D 302 17.37 -27.19 -9.87
C ILE D 302 16.13 -26.65 -10.57
N HIS D 303 15.19 -26.12 -9.78
CA HIS D 303 14.01 -25.48 -10.37
C HIS D 303 14.40 -24.27 -11.21
N ALA D 304 15.43 -23.55 -10.79
CA ALA D 304 15.91 -22.42 -11.59
C ALA D 304 16.39 -22.89 -12.95
N TYR D 305 17.09 -24.02 -12.98
CA TYR D 305 17.49 -24.65 -14.24
C TYR D 305 16.34 -25.34 -14.96
N GLY D 306 15.32 -25.79 -14.24
CA GLY D 306 14.23 -26.53 -14.85
C GLY D 306 14.01 -27.93 -14.31
N ASN D 307 14.66 -28.29 -13.20
CA ASN D 307 14.44 -29.55 -12.49
C ASN D 307 14.81 -30.79 -13.31
N ARG D 308 15.59 -30.63 -14.36
CA ARG D 308 16.11 -31.78 -15.08
C ARG D 308 17.40 -32.27 -14.42
N THR D 309 17.62 -33.58 -14.45
CA THR D 309 18.74 -34.21 -13.76
C THR D 309 19.76 -34.71 -14.78
N GLU D 310 21.03 -34.48 -14.50
CA GLU D 310 22.10 -34.85 -15.42
C GLU D 310 22.11 -36.37 -15.65
N CYS D 311 22.40 -36.76 -16.89
CA CYS D 311 22.36 -38.17 -17.27
C CYS D 311 23.52 -38.93 -16.65
N ARG D 312 23.32 -40.23 -16.44
CA ARG D 312 24.35 -41.12 -15.93
C ARG D 312 24.71 -42.24 -16.89
N ASN D 313 23.86 -42.51 -17.88
CA ASN D 313 24.03 -43.63 -18.79
C ASN D 313 23.99 -43.13 -20.22
N PRO D 314 24.67 -43.83 -21.14
CA PRO D 314 24.67 -43.38 -22.55
C PRO D 314 23.28 -43.31 -23.17
N GLN D 315 22.36 -44.17 -22.72
CA GLN D 315 21.02 -44.19 -23.32
C GLN D 315 20.30 -42.87 -23.09
N GLU D 316 20.43 -42.30 -21.89
CA GLU D 316 19.78 -41.01 -21.62
C GLU D 316 20.35 -39.91 -22.50
N LEU D 317 21.67 -39.90 -22.69
CA LEU D 317 22.27 -38.90 -23.56
C LEU D 317 21.82 -39.07 -25.01
N GLU D 318 21.71 -40.32 -25.47
CA GLU D 318 21.21 -40.56 -26.82
C GLU D 318 19.75 -40.13 -26.94
N SER D 319 18.98 -40.26 -25.86
CA SER D 319 17.59 -39.80 -25.89
C SER D 319 17.51 -38.28 -25.96
N ILE D 320 18.37 -37.58 -25.21
CA ILE D 320 18.27 -36.13 -25.11
C ILE D 320 19.06 -35.37 -26.16
N ARG D 321 19.90 -36.05 -26.94
CA ARG D 321 20.64 -35.36 -27.99
C ARG D 321 19.70 -34.79 -29.05
N GLN D 322 18.53 -35.41 -29.22
CA GLN D 322 17.55 -34.87 -30.15
C GLN D 322 17.03 -33.51 -29.69
N ASP D 323 16.80 -33.35 -28.40
CA ASP D 323 16.31 -32.09 -27.85
C ASP D 323 17.49 -31.16 -27.58
N ARG D 324 17.57 -30.07 -28.34
CA ARG D 324 18.66 -29.12 -28.16
C ARG D 324 18.60 -28.46 -26.79
N ASP D 325 17.39 -28.08 -26.36
CA ASP D 325 17.24 -27.45 -25.05
C ASP D 325 17.64 -28.41 -23.93
N ALA D 326 17.31 -29.69 -24.07
CA ALA D 326 17.68 -30.67 -23.05
C ALA D 326 19.19 -30.82 -22.97
N LEU D 327 19.89 -30.70 -24.11
CA LEU D 327 21.35 -30.82 -24.06
C LEU D 327 21.99 -29.56 -23.50
N HIS D 328 21.38 -28.39 -23.74
CA HIS D 328 21.81 -27.19 -23.03
C HIS D 328 21.64 -27.38 -21.52
N MET D 329 20.50 -27.93 -21.11
CA MET D 329 20.27 -28.28 -19.71
C MET D 329 21.37 -29.18 -19.17
N GLU D 330 21.68 -30.26 -19.90
CA GLU D 330 22.69 -31.21 -19.44
C GLU D 330 24.05 -30.53 -19.31
N GLY D 331 24.41 -29.70 -20.29
CA GLY D 331 25.67 -28.96 -20.19
C GLY D 331 25.70 -28.02 -18.99
N LEU D 332 24.58 -27.37 -18.70
CA LEU D 332 24.51 -26.50 -17.54
C LEU D 332 24.73 -27.29 -16.25
N ILE D 333 24.08 -28.46 -16.14
CA ILE D 333 24.25 -29.27 -14.95
C ILE D 333 25.69 -29.76 -14.82
N VAL D 334 26.30 -30.17 -15.94
CA VAL D 334 27.68 -30.66 -15.88
C VAL D 334 28.62 -29.54 -15.47
N ARG D 335 28.42 -28.33 -16.01
CA ARG D 335 29.27 -27.20 -15.63
C ARG D 335 29.09 -26.86 -14.16
N GLU D 336 27.84 -26.87 -13.67
CA GLU D 336 27.60 -26.57 -12.26
C GLU D 336 28.24 -27.61 -11.35
N ARG D 337 28.17 -28.89 -11.73
CA ARG D 337 28.78 -29.95 -10.93
C ARG D 337 30.30 -29.83 -10.92
N ILE D 338 30.90 -29.64 -12.10
CA ILE D 338 32.36 -29.65 -12.20
C ILE D 338 32.96 -28.41 -11.58
N LEU D 339 32.41 -27.23 -11.87
CA LEU D 339 32.98 -25.97 -11.44
C LEU D 339 32.35 -25.43 -10.16
N GLY D 340 31.38 -26.15 -9.59
CA GLY D 340 30.74 -25.67 -8.38
C GLY D 340 31.68 -25.63 -7.19
N ALA D 341 32.49 -26.68 -7.01
CA ALA D 341 33.42 -26.72 -5.89
C ALA D 341 34.47 -25.62 -6.00
N ASP D 342 34.98 -25.39 -7.21
CA ASP D 342 36.03 -24.40 -7.40
C ASP D 342 35.45 -22.98 -7.34
N ASN D 343 36.34 -22.01 -7.13
CA ASN D 343 35.98 -20.60 -7.08
C ASN D 343 36.01 -20.03 -8.49
N ILE D 344 34.99 -20.37 -9.27
CA ILE D 344 34.88 -19.95 -10.66
C ILE D 344 33.55 -19.27 -10.90
N ASP D 345 33.58 -18.17 -11.63
CA ASP D 345 32.38 -17.47 -12.04
C ASP D 345 31.71 -18.25 -13.16
N VAL D 346 30.69 -19.04 -12.82
CA VAL D 346 30.01 -19.89 -13.77
C VAL D 346 28.72 -19.26 -14.29
N SER D 347 28.47 -18.00 -13.94
CA SER D 347 27.20 -17.37 -14.30
C SER D 347 27.15 -17.01 -15.79
N HIS D 348 28.30 -16.77 -16.42
CA HIS D 348 28.29 -16.27 -17.80
C HIS D 348 27.56 -17.20 -18.76
N PRO D 349 27.79 -18.52 -18.77
CA PRO D 349 26.92 -19.38 -19.59
C PRO D 349 25.46 -19.28 -19.19
N ILE D 350 25.17 -19.14 -17.89
CA ILE D 350 23.80 -18.91 -17.45
C ILE D 350 23.28 -17.59 -17.98
N ILE D 351 24.14 -16.57 -18.02
CA ILE D 351 23.75 -15.28 -18.58
C ILE D 351 23.33 -15.43 -20.04
N TYR D 352 24.15 -16.13 -20.83
CA TYR D 352 23.83 -16.31 -22.24
C TYR D 352 22.57 -17.15 -22.42
N ARG D 353 22.41 -18.20 -21.62
CA ARG D 353 21.23 -19.06 -21.72
C ARG D 353 19.97 -18.28 -21.41
N GLY D 354 20.00 -17.47 -20.34
CA GLY D 354 18.85 -16.67 -20.01
C GLY D 354 18.57 -15.59 -21.04
N ALA D 355 19.62 -15.01 -21.63
CA ALA D 355 19.41 -14.04 -22.70
C ALA D 355 18.71 -14.67 -23.88
N VAL D 356 19.10 -15.89 -24.26
CA VAL D 356 18.44 -16.58 -25.36
C VAL D 356 17.00 -16.90 -25.00
N TYR D 357 16.76 -17.34 -23.76
CA TYR D 357 15.39 -17.64 -23.34
C TYR D 357 14.50 -16.39 -23.36
N ALA D 358 15.05 -15.26 -22.93
CA ALA D 358 14.31 -14.00 -23.02
C ALA D 358 14.03 -13.64 -24.47
N ASP D 359 15.00 -13.89 -25.36
CA ASP D 359 14.75 -13.73 -26.79
C ASP D 359 13.69 -14.70 -27.27
N ASN D 360 13.46 -15.78 -26.53
CA ASN D 360 12.42 -16.74 -26.87
C ASN D 360 11.09 -16.46 -26.17
N MET D 361 10.95 -15.34 -25.46
CA MET D 361 9.80 -14.99 -24.65
C MET D 361 9.63 -15.89 -23.43
N GLU D 362 10.55 -16.82 -23.19
CA GLU D 362 10.48 -17.68 -22.01
C GLU D 362 11.12 -16.96 -20.83
N PHE D 363 10.43 -15.91 -20.37
CA PHE D 363 10.97 -15.08 -19.30
C PHE D 363 11.04 -15.83 -17.98
N GLU D 364 10.05 -16.67 -17.69
CA GLU D 364 9.98 -17.35 -16.39
C GLU D 364 11.23 -18.19 -16.15
N GLN D 365 11.57 -19.06 -17.11
CA GLN D 365 12.80 -19.83 -16.98
C GLN D 365 14.02 -18.92 -17.06
N CYS D 366 13.95 -17.88 -17.90
CA CYS D 366 15.00 -16.86 -17.93
C CYS D 366 15.16 -16.18 -16.58
N ILE D 367 14.05 -15.81 -15.96
CA ILE D 367 14.09 -15.15 -14.65
C ILE D 367 14.70 -16.09 -13.62
N LYS D 368 14.30 -17.35 -13.63
CA LYS D 368 14.87 -18.32 -12.69
C LYS D 368 16.36 -18.50 -12.92
N LEU D 369 16.78 -18.53 -14.18
CA LEU D 369 18.21 -18.67 -14.49
C LEU D 369 19.01 -17.50 -13.97
N TRP D 370 18.53 -16.27 -14.19
CA TRP D 370 19.24 -15.13 -13.63
C TRP D 370 19.16 -15.07 -12.11
N LEU D 371 18.08 -15.59 -11.52
CA LEU D 371 18.04 -15.69 -10.06
C LEU D 371 19.12 -16.62 -9.54
N HIS D 372 19.29 -17.77 -10.18
CA HIS D 372 20.35 -18.68 -9.78
C HIS D 372 21.72 -18.06 -10.02
N ALA D 373 21.87 -17.32 -11.11
CA ALA D 373 23.14 -16.64 -11.39
C ALA D 373 23.45 -15.61 -10.30
N LEU D 374 22.46 -14.85 -9.87
CA LEU D 374 22.66 -13.89 -8.79
C LEU D 374 23.01 -14.60 -7.49
N HIS D 375 22.35 -15.73 -7.21
CA HIS D 375 22.68 -16.48 -6.00
C HIS D 375 24.11 -16.98 -6.03
N LEU D 376 24.57 -17.50 -7.18
CA LEU D 376 25.94 -17.95 -7.30
C LEU D 376 26.92 -16.80 -7.17
N ARG D 377 26.58 -15.64 -7.75
CA ARG D 377 27.42 -14.46 -7.61
C ARG D 377 27.53 -14.03 -6.16
N GLN D 378 26.41 -14.08 -5.43
CA GLN D 378 26.44 -13.80 -4.01
C GLN D 378 27.35 -14.79 -3.28
N LYS D 379 27.28 -16.07 -3.67
CA LYS D 379 28.22 -17.05 -3.15
C LYS D 379 29.65 -16.69 -3.56
N GLY D 380 29.83 -16.23 -4.79
CA GLY D 380 31.15 -15.85 -5.27
C GLY D 380 31.63 -14.49 -4.81
N ASN D 381 30.78 -13.72 -4.12
CA ASN D 381 31.15 -12.40 -3.61
C ASN D 381 31.65 -11.49 -4.73
N ARG D 382 30.92 -11.46 -5.84
CA ARG D 382 31.27 -10.66 -6.99
C ARG D 382 30.25 -9.54 -7.19
N ASN D 383 30.73 -8.41 -7.70
CA ASN D 383 29.85 -7.27 -7.95
C ASN D 383 28.84 -7.62 -9.03
N THR D 384 27.60 -7.19 -8.82
CA THR D 384 26.50 -7.53 -9.73
C THR D 384 25.65 -6.32 -10.11
N HIS D 385 26.22 -5.11 -10.13
CA HIS D 385 25.43 -3.95 -10.53
C HIS D 385 24.96 -4.08 -11.97
N LYS D 386 25.82 -4.58 -12.86
CA LYS D 386 25.42 -4.80 -14.23
C LYS D 386 24.35 -5.88 -14.34
N ASP D 387 24.49 -6.96 -13.56
CA ASP D 387 23.49 -8.03 -13.59
C ASP D 387 22.13 -7.54 -13.11
N LEU D 388 22.10 -6.79 -12.02
CA LEU D 388 20.84 -6.21 -11.55
C LEU D 388 20.28 -5.21 -12.55
N LEU D 389 21.16 -4.41 -13.16
CA LEU D 389 20.70 -3.46 -14.16
C LEU D 389 20.05 -4.16 -15.33
N ARG D 390 20.64 -5.26 -15.79
CA ARG D 390 20.04 -6.02 -16.88
C ARG D 390 18.74 -6.68 -16.45
N PHE D 391 18.71 -7.21 -15.22
CA PHE D 391 17.52 -7.93 -14.76
C PHE D 391 16.39 -6.96 -14.46
N ALA D 392 16.69 -5.67 -14.38
CA ALA D 392 15.65 -4.66 -14.30
C ALA D 392 15.29 -4.10 -15.68
N GLN D 393 16.27 -4.01 -16.57
CA GLN D 393 16.01 -3.55 -17.93
C GLN D 393 15.11 -4.53 -18.68
N VAL D 394 15.28 -5.83 -18.41
CA VAL D 394 14.38 -6.81 -19.00
C VAL D 394 12.95 -6.59 -18.54
N PHE D 395 12.76 -6.29 -17.24
CA PHE D 395 11.43 -5.94 -16.76
C PHE D 395 10.90 -4.68 -17.43
N SER D 396 11.75 -3.67 -17.60
CA SER D 396 11.31 -2.45 -18.28
C SER D 396 10.80 -2.77 -19.69
N GLN D 397 11.57 -3.57 -20.43
CA GLN D 397 11.18 -3.91 -21.80
C GLN D 397 9.90 -4.75 -21.84
N MET D 398 9.78 -5.72 -20.93
CA MET D 398 8.62 -6.61 -20.96
C MET D 398 7.37 -5.93 -20.42
N ILE D 399 7.54 -4.90 -19.60
CA ILE D 399 6.45 -3.97 -19.32
C ILE D 399 6.08 -3.17 -20.57
N HIS D 400 7.09 -2.66 -21.28
CA HIS D 400 6.83 -1.83 -22.46
C HIS D 400 6.06 -2.60 -23.52
N LEU D 401 6.39 -3.87 -23.73
CA LEU D 401 5.69 -4.66 -24.73
C LEU D 401 4.26 -4.98 -24.30
N ASN D 402 3.95 -4.76 -23.02
CA ASN D 402 2.65 -5.01 -22.39
C ASN D 402 2.31 -6.50 -22.34
N GLU D 403 3.22 -7.37 -22.73
CA GLU D 403 3.08 -8.82 -22.53
C GLU D 403 3.56 -9.26 -21.16
N THR D 404 3.52 -8.36 -20.17
CA THR D 404 4.31 -8.52 -18.95
C THR D 404 3.84 -9.71 -18.11
N VAL D 405 2.55 -9.74 -17.74
CA VAL D 405 2.01 -10.63 -16.71
C VAL D 405 3.03 -10.82 -15.58
N LYS D 406 3.63 -9.71 -15.15
CA LYS D 406 4.71 -9.76 -14.17
C LYS D 406 4.21 -10.29 -12.84
N ALA D 407 5.05 -11.11 -12.20
CA ALA D 407 4.72 -11.69 -10.90
C ALA D 407 5.42 -10.90 -9.80
N PRO D 408 4.68 -10.19 -8.95
CA PRO D 408 5.34 -9.40 -7.89
C PRO D 408 6.13 -10.25 -6.91
N ASP D 409 5.73 -11.49 -6.67
CA ASP D 409 6.47 -12.35 -5.75
C ASP D 409 7.90 -12.56 -6.22
N ILE D 410 8.09 -12.71 -7.53
CA ILE D 410 9.43 -12.78 -8.09
C ILE D 410 10.19 -11.49 -7.84
N GLU D 411 9.52 -10.35 -8.05
CA GLU D 411 10.18 -9.06 -7.82
C GLU D 411 10.59 -8.90 -6.36
N CYS D 412 9.87 -9.57 -5.45
CA CYS D 412 10.25 -9.53 -4.04
C CYS D 412 11.63 -10.14 -3.81
N VAL D 413 11.92 -11.26 -4.49
CA VAL D 413 13.23 -11.90 -4.37
C VAL D 413 14.30 -10.97 -4.91
N LEU D 414 14.03 -10.33 -6.05
CA LEU D 414 14.97 -9.36 -6.60
C LEU D 414 15.24 -8.23 -5.62
N ARG D 415 14.18 -7.70 -4.99
CA ARG D 415 14.34 -6.58 -4.08
C ARG D 415 15.15 -6.98 -2.86
N CYS D 416 14.87 -8.17 -2.31
CA CYS D 416 15.64 -8.64 -1.16
C CYS D 416 17.10 -8.85 -1.53
N SER D 417 17.36 -9.42 -2.72
CA SER D 417 18.72 -9.67 -3.16
C SER D 417 19.48 -8.37 -3.35
N VAL D 418 18.86 -7.38 -3.99
CA VAL D 418 19.55 -6.11 -4.22
C VAL D 418 19.76 -5.39 -2.90
N LEU D 419 18.83 -5.54 -1.94
CA LEU D 419 19.04 -4.96 -0.63
C LEU D 419 20.27 -5.57 0.05
N GLU D 420 20.39 -6.90 0.02
CA GLU D 420 21.57 -7.52 0.60
C GLU D 420 22.84 -7.06 -0.11
N ILE D 421 22.82 -7.01 -1.44
CA ILE D 421 24.00 -6.63 -2.20
C ILE D 421 24.42 -5.21 -1.87
N GLU D 422 23.45 -4.28 -1.83
CA GLU D 422 23.78 -2.88 -1.58
C GLU D 422 24.27 -2.68 -0.15
N GLN D 423 23.68 -3.40 0.83
CA GLN D 423 24.17 -3.29 2.20
C GLN D 423 25.60 -3.80 2.30
N SER D 424 25.88 -4.94 1.67
CA SER D 424 27.23 -5.50 1.71
C SER D 424 28.24 -4.56 1.05
N MET D 425 27.87 -3.97 -0.09
CA MET D 425 28.82 -3.14 -0.80
C MET D 425 28.98 -1.78 -0.12
N ASN D 426 27.94 -1.33 0.59
CA ASN D 426 28.09 -0.14 1.43
C ASN D 426 29.07 -0.41 2.56
N ARG D 427 28.98 -1.58 3.19
CA ARG D 427 29.98 -1.97 4.17
C ARG D 427 31.37 -2.03 3.54
N VAL D 428 31.45 -2.53 2.32
CA VAL D 428 32.73 -2.60 1.61
C VAL D 428 33.30 -1.21 1.40
N LYS D 429 32.45 -0.27 1.00
CA LYS D 429 32.91 1.12 0.85
C LYS D 429 33.39 1.67 2.18
N ASN D 430 32.68 1.36 3.27
CA ASN D 430 33.09 1.83 4.58
C ASN D 430 34.45 1.28 4.98
N ILE D 431 34.74 0.02 4.61
CA ILE D 431 36.00 -0.61 5.00
C ILE D 431 37.18 0.08 4.31
N SER D 432 37.09 0.25 2.99
CA SER D 432 38.20 0.76 2.18
C SER D 432 37.66 1.83 1.24
N ASP D 433 37.72 3.09 1.69
CA ASP D 433 37.21 4.19 0.87
C ASP D 433 38.12 4.49 -0.31
N ALA D 434 39.40 4.13 -0.21
CA ALA D 434 40.36 4.47 -1.25
C ALA D 434 40.15 3.67 -2.54
N ASP D 435 39.45 2.55 -2.47
CA ASP D 435 39.30 1.67 -3.63
C ASP D 435 37.84 1.45 -4.04
N VAL D 436 36.90 2.25 -3.55
CA VAL D 436 35.49 2.03 -3.83
C VAL D 436 34.89 3.19 -4.63
N HIS D 437 35.71 3.97 -5.34
CA HIS D 437 35.17 5.00 -6.22
C HIS D 437 34.30 4.37 -7.31
N ASN D 438 34.82 3.33 -7.98
CA ASN D 438 33.99 2.57 -8.90
C ASN D 438 32.84 1.89 -8.17
N ALA D 439 33.10 1.41 -6.95
CA ALA D 439 32.02 0.85 -6.15
C ALA D 439 31.02 1.92 -5.74
N MET D 440 31.47 3.15 -5.48
CA MET D 440 30.53 4.23 -5.19
C MET D 440 29.64 4.51 -6.41
N ASP D 441 30.23 4.53 -7.60
CA ASP D 441 29.45 4.70 -8.81
C ASP D 441 28.45 3.57 -8.98
N ASN D 442 28.88 2.34 -8.70
CA ASN D 442 27.96 1.21 -8.72
C ASN D 442 26.89 1.35 -7.65
N TYR D 443 27.19 2.07 -6.57
CA TYR D 443 26.18 2.32 -5.54
C TYR D 443 25.08 3.23 -6.06
N GLU D 444 25.46 4.33 -6.71
CA GLU D 444 24.43 5.16 -7.34
C GLU D 444 23.68 4.37 -8.40
N CYS D 445 24.39 3.53 -9.15
CA CYS D 445 23.74 2.69 -10.16
C CYS D 445 22.72 1.76 -9.53
N ASN D 446 23.08 1.13 -8.41
CA ASN D 446 22.16 0.22 -7.73
C ASN D 446 20.94 0.96 -7.22
N LEU D 447 21.13 2.17 -6.70
CA LEU D 447 19.98 2.95 -6.26
C LEU D 447 19.08 3.33 -7.44
N TYR D 448 19.67 3.65 -8.59
CA TYR D 448 18.86 3.88 -9.77
C TYR D 448 18.09 2.63 -10.18
N THR D 449 18.73 1.45 -10.11
CA THR D 449 18.02 0.21 -10.40
C THR D 449 16.87 -0.01 -9.44
N PHE D 450 17.07 0.28 -8.15
CA PHE D 450 15.98 0.14 -7.20
C PHE D 450 14.85 1.12 -7.51
N LEU D 451 15.20 2.33 -7.93
CA LEU D 451 14.17 3.27 -8.38
C LEU D 451 13.37 2.68 -9.54
N TYR D 452 14.07 2.04 -10.48
CA TYR D 452 13.38 1.40 -11.59
C TYR D 452 12.50 0.25 -11.12
N LEU D 453 12.96 -0.50 -10.10
CA LEU D 453 12.14 -1.57 -9.55
C LEU D 453 10.87 -1.02 -8.92
N VAL D 454 10.98 0.09 -8.21
CA VAL D 454 9.78 0.72 -7.66
C VAL D 454 8.87 1.20 -8.77
N CYS D 455 9.45 1.72 -9.86
CA CYS D 455 8.65 2.12 -11.01
C CYS D 455 7.88 0.93 -11.58
N ILE D 456 8.54 -0.22 -11.68
CA ILE D 456 7.88 -1.44 -12.15
C ILE D 456 6.77 -1.85 -11.18
N SER D 457 7.05 -1.76 -9.88
CA SER D 457 6.05 -2.12 -8.88
C SER D 457 4.82 -1.23 -9.00
N THR D 458 5.02 0.05 -9.30
CA THR D 458 3.89 0.92 -9.65
C THR D 458 3.21 0.43 -10.92
N LYS D 459 4.00 0.01 -11.91
CA LYS D 459 3.42 -0.44 -13.17
C LYS D 459 2.62 -1.73 -13.00
N THR D 460 3.13 -2.65 -12.18
CA THR D 460 2.53 -3.97 -12.04
C THR D 460 1.70 -4.04 -10.76
N GLN D 461 0.42 -4.41 -10.91
CA GLN D 461 -0.43 -4.60 -9.74
C GLN D 461 0.05 -5.80 -8.93
N CYS D 462 -0.07 -5.70 -7.61
CA CYS D 462 0.43 -6.72 -6.71
C CYS D 462 -0.67 -7.17 -5.77
N SER D 463 -0.58 -8.43 -5.34
CA SER D 463 -1.50 -8.96 -4.35
C SER D 463 -1.15 -8.41 -2.97
N GLU D 464 -2.03 -8.68 -2.00
CA GLU D 464 -1.82 -8.16 -0.66
C GLU D 464 -0.53 -8.69 -0.05
N GLU D 465 -0.27 -9.99 -0.19
CA GLU D 465 0.96 -10.55 0.35
C GLU D 465 2.17 -10.12 -0.49
N ASP D 466 2.00 -10.04 -1.81
CA ASP D 466 3.11 -9.59 -2.66
C ASP D 466 3.47 -8.14 -2.38
N GLN D 467 2.46 -7.28 -2.30
CA GLN D 467 2.72 -5.88 -1.96
C GLN D 467 3.26 -5.75 -0.54
N CYS D 468 2.82 -6.61 0.37
CA CYS D 468 3.33 -6.59 1.73
C CYS D 468 4.82 -6.93 1.74
N LYS D 469 5.23 -7.93 0.96
CA LYS D 469 6.65 -8.28 0.91
C LYS D 469 7.47 -7.20 0.22
N ILE D 470 6.92 -6.60 -0.84
CA ILE D 470 7.61 -5.51 -1.51
C ILE D 470 7.83 -4.34 -0.53
N ASN D 471 6.79 -3.99 0.22
CA ASN D 471 6.92 -2.91 1.19
C ASN D 471 7.84 -3.31 2.32
N LYS D 472 7.88 -4.60 2.67
CA LYS D 472 8.84 -5.07 3.67
C LYS D 472 10.26 -4.81 3.22
N GLN D 473 10.59 -5.20 1.99
CA GLN D 473 11.95 -4.99 1.48
C GLN D 473 12.26 -3.50 1.37
N ILE D 474 11.29 -2.71 0.90
CA ILE D 474 11.52 -1.27 0.76
C ILE D 474 11.75 -0.63 2.13
N TYR D 475 10.97 -1.05 3.13
CA TYR D 475 11.16 -0.53 4.49
C TYR D 475 12.49 -0.95 5.06
N ASN D 476 12.93 -2.19 4.77
CA ASN D 476 14.25 -2.61 5.22
C ASN D 476 15.33 -1.74 4.60
N LEU D 477 15.15 -1.36 3.34
CA LEU D 477 16.08 -0.40 2.74
C LEU D 477 16.01 0.95 3.43
N ILE D 478 14.80 1.44 3.70
CA ILE D 478 14.63 2.80 4.18
C ILE D 478 15.17 2.95 5.60
N HIS D 479 14.98 1.93 6.44
CA HIS D 479 15.33 2.04 7.85
C HIS D 479 16.77 2.47 8.03
N LEU D 480 17.69 1.86 7.28
CA LEU D 480 19.02 2.43 7.12
C LEU D 480 18.99 3.51 6.06
N ASP D 481 19.50 4.69 6.39
CA ASP D 481 19.38 5.82 5.48
C ASP D 481 20.47 5.70 4.43
N PRO D 482 20.13 5.51 3.15
CA PRO D 482 21.14 5.35 2.10
C PRO D 482 21.62 6.68 1.53
N ARG D 483 22.52 7.34 2.26
CA ARG D 483 23.06 8.61 1.80
C ARG D 483 23.87 8.43 0.53
N THR D 484 23.79 9.40 -0.35
CA THR D 484 24.52 9.41 -1.61
C THR D 484 25.44 10.62 -1.64
N ARG D 485 26.06 10.85 -2.80
CA ARG D 485 26.70 12.14 -3.04
C ARG D 485 25.62 13.21 -3.06
N GLU D 486 25.94 14.36 -2.47
CA GLU D 486 25.05 15.50 -2.26
C GLU D 486 23.91 15.14 -1.30
N GLY D 487 24.00 14.01 -0.58
CA GLY D 487 23.07 13.71 0.49
C GLY D 487 21.69 13.26 0.06
N PHE D 488 21.49 12.97 -1.23
CA PHE D 488 20.17 12.58 -1.70
C PHE D 488 19.72 11.26 -1.06
N THR D 489 18.46 11.23 -0.62
CA THR D 489 17.84 10.02 -0.12
C THR D 489 17.06 9.36 -1.26
N LEU D 490 16.25 8.34 -0.92
CA LEU D 490 15.44 7.69 -1.93
C LEU D 490 14.41 8.64 -2.52
N LEU D 491 13.71 9.38 -1.67
CA LEU D 491 12.65 10.25 -2.15
C LEU D 491 13.23 11.43 -2.92
N HIS D 492 14.38 11.95 -2.48
CA HIS D 492 15.04 13.02 -3.20
C HIS D 492 15.41 12.57 -4.61
N LEU D 493 15.91 11.34 -4.76
CA LEU D 493 16.17 10.81 -6.09
C LEU D 493 14.87 10.62 -6.85
N ALA D 494 13.80 10.23 -6.16
CA ALA D 494 12.54 9.94 -6.83
C ALA D 494 11.86 11.19 -7.36
N VAL D 495 12.12 12.35 -6.78
CA VAL D 495 11.43 13.58 -7.17
C VAL D 495 12.21 14.34 -8.25
N ASN D 496 13.54 14.34 -8.19
CA ASN D 496 14.29 15.14 -9.14
C ASN D 496 14.46 14.40 -10.46
N SER D 497 14.96 15.12 -11.46
CA SER D 497 15.31 14.51 -12.74
C SER D 497 16.53 13.62 -12.56
N ASN D 498 16.45 12.39 -13.07
CA ASN D 498 17.53 11.43 -12.90
C ASN D 498 18.34 11.28 -14.18
N PHE D 512 10.87 9.92 -15.34
CA PHE D 512 11.51 10.91 -14.48
C PHE D 512 10.45 11.63 -13.64
N PRO D 513 10.87 12.08 -12.44
CA PRO D 513 9.96 12.72 -11.49
C PRO D 513 8.75 11.82 -11.22
N ASN D 514 9.04 10.53 -10.99
CA ASN D 514 7.98 9.54 -10.81
C ASN D 514 7.12 9.88 -9.60
N ALA D 515 5.81 9.70 -9.77
CA ALA D 515 4.86 10.12 -8.74
C ALA D 515 4.52 8.99 -7.76
N LEU D 516 3.97 7.88 -8.27
CA LEU D 516 3.60 6.81 -7.38
C LEU D 516 4.82 6.18 -6.71
N VAL D 517 5.99 6.29 -7.35
CA VAL D 517 7.23 5.86 -6.70
C VAL D 517 7.46 6.66 -5.42
N THR D 518 7.34 7.98 -5.50
CA THR D 518 7.51 8.82 -4.33
C THR D 518 6.43 8.54 -3.29
N LYS D 519 5.19 8.33 -3.74
CA LYS D 519 4.11 8.04 -2.81
C LYS D 519 4.36 6.73 -2.06
N LEU D 520 4.82 5.70 -2.77
CA LEU D 520 5.13 4.43 -2.11
C LEU D 520 6.31 4.57 -1.16
N LEU D 521 7.31 5.36 -1.56
CA LEU D 521 8.44 5.60 -0.66
C LEU D 521 7.98 6.27 0.63
N LEU D 522 7.11 7.28 0.51
CA LEU D 522 6.57 7.92 1.70
C LEU D 522 5.76 6.94 2.54
N ASP D 523 4.94 6.11 1.89
CA ASP D 523 4.12 5.15 2.62
C ASP D 523 4.99 4.10 3.30
N CYS D 524 6.18 3.86 2.79
CA CYS D 524 7.08 2.84 3.32
C CYS D 524 8.04 3.38 4.38
N GLY D 525 7.87 4.62 4.82
CA GLY D 525 8.65 5.16 5.91
C GLY D 525 9.75 6.14 5.54
N ALA D 526 9.74 6.65 4.31
CA ALA D 526 10.74 7.68 3.91
C ALA D 526 10.43 8.98 4.65
N GLU D 527 11.42 9.86 4.78
CA GLU D 527 11.22 11.10 5.58
C GLU D 527 11.03 12.31 4.65
N VAL D 528 9.90 13.00 4.76
CA VAL D 528 9.64 14.24 3.96
C VAL D 528 10.61 15.33 4.42
N ASN D 529 11.00 15.32 5.70
CA ASN D 529 11.88 16.40 6.25
C ASN D 529 13.35 16.01 6.13
N ALA D 530 13.66 14.95 5.36
CA ALA D 530 15.06 14.48 5.23
C ALA D 530 15.91 15.61 4.65
N VAL D 531 17.14 15.77 5.15
CA VAL D 531 17.99 16.92 4.73
C VAL D 531 19.13 16.43 3.82
N ASP D 532 19.32 17.08 2.67
CA ASP D 532 20.41 16.71 1.72
C ASP D 532 21.72 17.35 2.19
N ASN D 533 22.83 17.10 1.48
CA ASN D 533 24.08 17.76 1.82
C ASN D 533 23.94 19.27 1.63
N GLU D 534 23.22 19.68 0.60
CA GLU D 534 22.98 21.13 0.35
C GLU D 534 22.01 21.67 1.42
N GLY D 535 21.32 20.77 2.13
CA GLY D 535 20.38 21.17 3.15
C GLY D 535 18.94 21.16 2.72
N ASN D 536 18.65 20.87 1.45
CA ASN D 536 17.29 20.91 0.94
C ASN D 536 16.48 19.75 1.51
N SER D 537 15.16 19.84 1.33
CA SER D 537 14.25 18.80 1.76
C SER D 537 13.52 18.22 0.56
N ALA D 538 12.57 17.34 0.85
CA ALA D 538 11.80 16.70 -0.21
C ALA D 538 11.01 17.72 -1.01
N LEU D 539 10.36 18.66 -0.32
CA LEU D 539 9.49 19.62 -1.00
C LEU D 539 10.31 20.59 -1.86
N HIS D 540 11.51 20.96 -1.38
CA HIS D 540 12.37 21.87 -2.13
C HIS D 540 12.61 21.38 -3.55
N ILE D 541 12.97 20.11 -3.70
CA ILE D 541 13.35 19.60 -5.01
C ILE D 541 12.13 19.51 -5.92
N ILE D 542 11.00 19.02 -5.38
CA ILE D 542 9.84 18.78 -6.23
C ILE D 542 9.24 20.10 -6.70
N VAL D 543 9.25 21.13 -5.85
CA VAL D 543 8.71 22.41 -6.32
C VAL D 543 9.64 23.04 -7.34
N GLN D 544 10.91 22.65 -7.34
CA GLN D 544 11.87 23.11 -8.35
C GLN D 544 11.85 22.13 -9.52
N TYR D 545 10.68 22.03 -10.15
CA TYR D 545 10.43 21.08 -11.23
C TYR D 545 10.18 21.84 -12.52
N ASN D 546 10.98 21.55 -13.54
CA ASN D 546 10.78 22.14 -14.85
C ASN D 546 9.63 21.45 -15.57
N ARG D 547 9.11 22.11 -16.60
CA ARG D 547 7.99 21.64 -17.38
C ARG D 547 6.79 21.34 -16.47
N PRO D 548 6.20 22.37 -15.85
CA PRO D 548 5.14 22.09 -14.87
C PRO D 548 3.80 21.73 -15.49
N ILE D 549 3.45 22.33 -16.62
CA ILE D 549 2.15 22.07 -17.23
C ILE D 549 2.03 20.62 -17.63
N SER D 550 3.05 20.08 -18.29
CA SER D 550 3.10 18.65 -18.53
C SER D 550 3.38 17.91 -17.23
N ASP D 551 2.70 16.78 -17.03
CA ASP D 551 2.78 16.03 -15.78
C ASP D 551 2.37 16.89 -14.58
N PHE D 552 1.44 17.82 -14.83
CA PHE D 552 0.93 18.66 -13.74
C PHE D 552 0.22 17.83 -12.69
N LEU D 553 -0.51 16.79 -13.13
CA LEU D 553 -1.17 15.90 -12.17
C LEU D 553 -0.17 15.22 -11.27
N THR D 554 0.97 14.78 -11.82
CA THR D 554 2.01 14.17 -11.01
C THR D 554 2.54 15.15 -9.97
N LEU D 555 2.82 16.39 -10.40
CA LEU D 555 3.34 17.39 -9.47
C LEU D 555 2.34 17.67 -8.36
N HIS D 556 1.07 17.84 -8.71
CA HIS D 556 0.05 18.12 -7.70
C HIS D 556 -0.10 16.95 -6.74
N SER D 557 -0.13 15.72 -7.26
CA SER D 557 -0.26 14.55 -6.41
C SER D 557 0.92 14.42 -5.46
N ILE D 558 2.13 14.66 -5.97
CA ILE D 558 3.31 14.59 -5.11
C ILE D 558 3.25 15.64 -4.01
N ILE D 559 2.88 16.86 -4.36
CA ILE D 559 2.80 17.91 -3.36
C ILE D 559 1.78 17.55 -2.28
N ILE D 560 0.59 17.10 -2.71
CA ILE D 560 -0.47 16.75 -1.76
C ILE D 560 -0.01 15.61 -0.85
N SER D 561 0.62 14.60 -1.43
CA SER D 561 1.07 13.46 -0.63
C SER D 561 2.14 13.87 0.37
N LEU D 562 3.12 14.68 -0.06
CA LEU D 562 4.26 14.95 0.81
C LEU D 562 3.90 15.96 1.90
N VAL D 563 3.04 16.93 1.60
CA VAL D 563 2.66 17.88 2.66
C VAL D 563 1.95 17.15 3.79
N GLU D 564 1.19 16.11 3.45
CA GLU D 564 0.70 15.19 4.46
C GLU D 564 1.85 14.36 5.01
N ALA D 565 1.72 13.99 6.29
CA ALA D 565 2.63 13.13 7.06
C ALA D 565 3.87 13.88 7.55
N GLY D 566 3.92 15.20 7.48
CA GLY D 566 4.93 15.96 8.19
C GLY D 566 5.88 16.84 7.37
N ALA D 567 5.47 17.34 6.21
CA ALA D 567 6.30 18.28 5.48
C ALA D 567 6.15 19.68 6.07
N HIS D 568 7.28 20.22 6.54
CA HIS D 568 7.27 21.62 7.02
C HIS D 568 7.36 22.49 5.77
N THR D 569 6.44 23.43 5.61
CA THR D 569 6.34 24.21 4.39
C THR D 569 7.51 25.16 4.17
N ASP D 570 8.05 25.74 5.26
CA ASP D 570 9.09 26.80 5.13
C ASP D 570 10.46 26.35 5.65
N MET D 571 10.93 25.16 5.28
CA MET D 571 12.27 24.70 5.63
C MET D 571 13.31 25.49 4.85
N THR D 572 14.01 26.38 5.55
CA THR D 572 15.11 27.14 4.90
C THR D 572 16.23 26.17 4.50
N ASN D 573 16.80 26.35 3.31
CA ASN D 573 17.89 25.45 2.83
C ASN D 573 19.17 26.28 2.63
N LYS D 574 20.29 25.82 3.19
CA LYS D 574 21.58 26.59 3.09
C LYS D 574 21.35 27.96 3.73
N GLN D 575 21.60 29.04 2.98
CA GLN D 575 21.34 30.42 3.49
C GLN D 575 19.82 30.58 3.63
N ASN D 576 19.36 31.52 4.46
CA ASN D 576 17.89 31.59 4.71
C ASN D 576 17.14 31.66 3.37
N LYS D 577 16.13 30.79 3.21
CA LYS D 577 15.37 30.70 1.93
C LYS D 577 13.99 30.12 2.25
N THR D 578 13.02 30.22 1.34
CA THR D 578 11.71 29.58 1.59
C THR D 578 11.45 28.58 0.46
N PRO D 579 10.95 27.33 0.67
CA PRO D 579 10.61 26.47 -0.47
C PRO D 579 9.62 27.11 -1.43
N LEU D 580 8.73 27.97 -0.94
CA LEU D 580 7.95 28.84 -1.82
C LEU D 580 8.83 29.81 -2.59
N ASP D 581 9.84 30.41 -1.94
CA ASP D 581 10.76 31.29 -2.63
C ASP D 581 11.64 30.51 -3.62
N LYS D 582 12.06 29.31 -3.23
CA LYS D 582 12.91 28.51 -4.12
C LYS D 582 12.16 28.11 -5.39
N SER D 583 10.88 27.76 -5.26
CA SER D 583 10.09 27.35 -6.41
C SER D 583 9.97 28.49 -7.41
N THR D 584 10.15 28.18 -8.69
CA THR D 584 10.11 29.17 -9.76
C THR D 584 8.92 28.98 -10.69
N THR D 585 7.99 28.07 -10.36
CA THR D 585 6.83 27.81 -11.19
C THR D 585 5.58 28.28 -10.44
N GLY D 586 4.77 29.09 -11.12
CA GLY D 586 3.63 29.70 -10.45
C GLY D 586 2.59 28.69 -9.99
N VAL D 587 2.36 27.65 -10.81
CA VAL D 587 1.35 26.66 -10.47
C VAL D 587 1.73 25.91 -9.19
N SER D 588 3.00 25.52 -9.06
CA SER D 588 3.45 24.88 -7.84
C SER D 588 3.36 25.84 -6.66
N GLU D 589 3.66 27.12 -6.90
CA GLU D 589 3.51 28.13 -5.85
C GLU D 589 2.09 28.15 -5.32
N ILE D 590 1.11 28.21 -6.22
CA ILE D 590 -0.29 28.20 -5.80
C ILE D 590 -0.61 26.90 -5.07
N LEU D 591 -0.07 25.78 -5.54
CA LEU D 591 -0.35 24.50 -4.91
C LEU D 591 0.09 24.49 -3.45
N LEU D 592 1.36 24.82 -3.18
CA LEU D 592 1.77 24.74 -1.78
C LEU D 592 1.16 25.86 -0.95
N LYS D 593 0.94 27.03 -1.56
CA LYS D 593 0.30 28.13 -0.82
C LYS D 593 -1.09 27.73 -0.36
N THR D 594 -1.84 27.04 -1.22
CA THR D 594 -3.11 26.46 -0.78
C THR D 594 -2.88 25.39 0.27
N GLN D 595 -1.76 24.66 0.18
CA GLN D 595 -1.49 23.62 1.15
C GLN D 595 -0.90 24.15 2.45
N MET D 596 -0.56 25.44 2.52
CA MET D 596 0.05 25.99 3.72
C MET D 596 -0.95 26.04 4.88
N LYS D 597 -0.47 25.68 6.07
CA LYS D 597 -1.17 25.91 7.32
C LYS D 597 -0.29 26.75 8.22
N MET D 598 -0.76 27.94 8.58
CA MET D 598 0.05 28.86 9.35
C MET D 598 0.08 28.49 10.83
N SER D 599 1.08 29.02 11.52
CA SER D 599 1.28 28.76 12.94
C SER D 599 2.20 29.82 13.51
N LEU D 600 2.03 30.10 14.81
CA LEU D 600 2.96 30.98 15.50
C LEU D 600 4.39 30.44 15.43
N LYS D 601 4.51 29.11 15.40
CA LYS D 601 5.84 28.48 15.37
C LYS D 601 6.61 28.98 14.14
N CYS D 602 6.00 28.93 12.96
CA CYS D 602 6.71 29.34 11.71
C CYS D 602 6.97 30.85 11.71
N LEU D 603 5.94 31.66 11.98
CA LEU D 603 6.07 33.11 11.93
C LEU D 603 7.10 33.63 12.93
N ALA D 604 7.06 33.13 14.16
CA ALA D 604 7.99 33.59 15.19
C ALA D 604 9.40 33.08 14.91
N ALA D 605 9.53 31.88 14.34
CA ALA D 605 10.84 31.37 13.96
C ALA D 605 11.46 32.27 12.90
N ARG D 606 10.65 32.68 11.91
CA ARG D 606 11.16 33.59 10.90
C ARG D 606 11.62 34.90 11.51
N ALA D 607 10.84 35.45 12.45
CA ALA D 607 11.21 36.71 13.07
C ALA D 607 12.50 36.58 13.88
N VAL D 608 12.63 35.53 14.67
CA VAL D 608 13.81 35.38 15.51
C VAL D 608 15.04 35.10 14.65
N ARG D 609 14.87 34.36 13.56
CA ARG D 609 16.00 34.07 12.67
C ARG D 609 16.44 35.33 11.94
N ALA D 610 15.47 36.16 11.52
CA ALA D 610 15.82 37.42 10.88
C ALA D 610 16.49 38.39 11.85
N ASN D 611 16.02 38.43 13.09
CA ASN D 611 16.58 39.35 14.08
C ASN D 611 17.86 38.84 14.71
N ASP D 612 18.24 37.59 14.46
CA ASP D 612 19.51 37.02 14.91
C ASP D 612 19.66 37.08 16.43
N ILE D 613 18.54 36.95 17.15
CA ILE D 613 18.60 36.98 18.61
C ILE D 613 19.07 35.63 19.13
N ASN D 614 19.90 35.65 20.17
CA ASN D 614 20.39 34.42 20.76
C ASN D 614 19.23 33.58 21.27
N TYR D 615 19.22 32.31 20.91
CA TYR D 615 18.12 31.41 21.24
C TYR D 615 18.53 30.24 22.12
N GLN D 616 19.81 29.89 22.16
CA GLN D 616 20.25 28.76 22.96
C GLN D 616 20.12 29.07 24.45
N ASP D 617 19.90 28.02 25.24
CA ASP D 617 19.76 28.05 26.70
C ASP D 617 18.57 28.88 27.16
N GLN D 618 17.69 29.30 26.25
CA GLN D 618 16.48 30.04 26.61
C GLN D 618 15.25 29.46 25.94
N ILE D 619 15.42 28.34 25.23
CA ILE D 619 14.35 27.74 24.45
C ILE D 619 14.33 26.24 24.70
N PRO D 620 13.14 25.64 24.69
CA PRO D 620 13.04 24.19 24.83
C PRO D 620 13.88 23.47 23.78
N ARG D 621 14.50 22.37 24.21
CA ARG D 621 15.50 21.69 23.39
C ARG D 621 14.89 21.19 22.08
N THR D 622 13.65 20.72 22.13
CA THR D 622 12.97 20.30 20.91
C THR D 622 12.80 21.47 19.95
N LEU D 623 12.41 22.63 20.48
CA LEU D 623 12.26 23.82 19.64
C LEU D 623 13.60 24.39 19.19
N GLU D 624 14.70 23.96 19.81
CA GLU D 624 16.01 24.43 19.37
C GLU D 624 16.27 24.03 17.92
N GLU D 625 15.91 22.79 17.57
CA GLU D 625 16.00 22.36 16.18
C GLU D 625 15.06 23.16 15.29
N PHE D 626 13.85 23.39 15.78
CA PHE D 626 12.82 24.14 14.99
C PHE D 626 13.36 25.52 14.63
N VAL D 627 13.98 26.22 15.59
CA VAL D 627 14.59 27.50 15.29
C VAL D 627 15.63 27.40 14.17
N GLY D 628 16.45 26.36 14.17
CA GLY D 628 17.44 26.18 13.13
C GLY D 628 16.83 25.83 11.79
N PHE D 629 15.63 25.25 11.81
CA PHE D 629 14.93 24.94 10.56
C PHE D 629 14.65 26.21 9.76
N HIS D 630 14.19 27.25 10.46
CA HIS D 630 13.84 28.53 9.77
C HIS D 630 15.06 29.45 9.77
N LEU E 596 19.68 -5.58 -29.17
CA LEU E 596 18.96 -6.65 -28.49
C LEU E 596 19.51 -6.84 -27.08
N PHE E 597 20.54 -7.66 -26.94
CA PHE E 597 21.19 -7.91 -25.66
C PHE E 597 22.64 -7.47 -25.74
N LYS E 598 23.16 -6.95 -24.64
CA LYS E 598 24.56 -6.58 -24.52
C LYS E 598 25.22 -7.45 -23.46
N GLU E 599 26.25 -8.18 -23.88
CA GLU E 599 26.94 -9.08 -22.97
C GLU E 599 27.64 -8.30 -21.87
N SER E 600 27.81 -8.93 -20.71
CA SER E 600 28.66 -8.35 -19.68
C SER E 600 30.06 -8.11 -20.23
N GLU E 601 30.61 -6.94 -19.89
CA GLU E 601 31.80 -6.44 -20.57
C GLU E 601 32.98 -7.39 -20.41
N GLU E 602 33.32 -7.76 -19.18
CA GLU E 602 34.35 -8.75 -18.89
C GLU E 602 35.70 -8.44 -19.56
N ILE E 603 36.00 -7.16 -19.79
CA ILE E 603 37.31 -6.78 -20.31
C ILE E 603 38.32 -6.82 -19.18
N ARG E 604 39.40 -7.58 -19.36
CA ARG E 604 40.21 -8.00 -18.24
C ARG E 604 41.29 -6.99 -17.89
N THR E 605 41.87 -7.20 -16.71
CA THR E 605 43.02 -6.41 -16.27
C THR E 605 44.26 -6.85 -17.05
N PRO E 606 44.95 -5.92 -17.71
CA PRO E 606 46.15 -6.32 -18.47
C PRO E 606 47.25 -6.91 -17.60
N ASN E 607 47.35 -6.50 -16.33
CA ASN E 607 48.46 -6.95 -15.49
C ASN E 607 48.39 -8.45 -15.23
N CYS E 608 47.21 -8.96 -14.88
CA CYS E 608 47.01 -10.38 -14.56
C CYS E 608 46.30 -11.05 -15.72
N ASN E 609 46.91 -12.11 -16.25
CA ASN E 609 46.35 -12.76 -17.44
C ASN E 609 45.41 -13.91 -17.10
N CYS E 610 45.26 -14.26 -15.82
CA CYS E 610 44.41 -15.39 -15.46
C CYS E 610 42.93 -15.04 -15.60
N LYS E 611 42.31 -15.58 -16.65
CA LYS E 611 40.93 -15.23 -17.00
C LYS E 611 39.97 -15.40 -15.82
N TYR E 612 40.17 -16.43 -15.00
CA TYR E 612 39.29 -16.65 -13.85
C TYR E 612 39.45 -15.56 -12.80
N CYS E 613 40.67 -15.05 -12.63
CA CYS E 613 40.88 -13.99 -11.67
C CYS E 613 40.17 -12.72 -12.11
N SER E 614 39.50 -12.06 -11.17
CA SER E 614 38.69 -10.88 -11.46
C SER E 614 39.28 -9.71 -10.68
N HIS E 615 40.12 -8.92 -11.36
CA HIS E 615 40.77 -7.77 -10.73
C HIS E 615 40.12 -6.50 -11.25
N PRO E 616 39.47 -5.71 -10.39
CA PRO E 616 38.81 -4.49 -10.85
C PRO E 616 39.81 -3.51 -11.45
N LEU E 617 39.36 -2.78 -12.47
CA LEU E 617 40.17 -1.77 -13.13
C LEU E 617 39.59 -0.40 -12.81
N LEU E 618 40.44 0.50 -12.33
CA LEU E 618 40.01 1.84 -11.96
C LEU E 618 39.65 2.64 -13.20
#